data_7BIC
#
_entry.id   7BIC
#
_cell.length_a   100.110
_cell.length_b   94.650
_cell.length_c   104.510
_cell.angle_alpha   90.000
_cell.angle_beta   92.010
_cell.angle_gamma   90.000
#
_symmetry.space_group_name_H-M   'C 1 2 1'
#
loop_
_entity.id
_entity.type
_entity.pdbx_description
1 polymer 'Glutathione S-transferase A1'
2 non-polymer N-prop-2-en-1-ylthioformamide
3 water water
#
_entity_poly.entity_id   1
_entity_poly.type   'polypeptide(L)'
_entity_poly.pdbx_seq_one_letter_code
;MAEKPKLHYFNARGRMESTRWLLAAAGVEFEEKFIKSAEDLDKLRNDGYLMFQQVPMVEIDGMKLVQTRAILNYIASKYN
LYGKDIKERALIDMYIEGIADLGEMILLLPVCPPEEKDAKLALIKEKIKNRYFPAFEKVLKSHGQDYLVGNKLSRADIHL
VELLYYVEELDSSLISSFPLLKALKTRISNLPTVKKFLQPGSPRKPPMDEKSLEEARKIFRF
;
_entity_poly.pdbx_strand_id   A,B,C,D
#
# COMPACT_ATOMS: atom_id res chain seq x y z
N ALA A 2 28.20 26.97 -37.57
CA ALA A 2 27.53 25.91 -36.82
C ALA A 2 26.96 24.85 -37.77
N GLU A 3 26.47 23.75 -37.22
CA GLU A 3 25.93 22.68 -38.05
C GLU A 3 24.41 22.61 -37.98
N LYS A 4 23.77 22.49 -39.14
CA LYS A 4 22.33 22.40 -39.19
C LYS A 4 21.86 20.99 -38.83
N PRO A 5 20.65 20.86 -38.28
CA PRO A 5 20.23 19.58 -37.70
C PRO A 5 20.17 18.49 -38.75
N LYS A 6 20.50 17.27 -38.32
CA LYS A 6 20.49 16.10 -39.19
C LYS A 6 19.38 15.14 -38.75
N LEU A 7 18.47 14.86 -39.66
CA LEU A 7 17.35 13.97 -39.42
C LEU A 7 17.71 12.55 -39.88
N HIS A 8 17.69 11.60 -38.94
CA HIS A 8 17.94 10.20 -39.24
C HIS A 8 16.59 9.50 -39.20
N TYR A 9 16.12 9.04 -40.35
CA TYR A 9 14.88 8.29 -40.51
C TYR A 9 14.98 7.47 -41.79
N PHE A 10 13.85 6.96 -42.27
CA PHE A 10 13.80 6.41 -43.62
C PHE A 10 13.12 7.41 -44.56
N ASN A 11 13.18 7.09 -45.85
CA ASN A 11 12.77 8.04 -46.87
C ASN A 11 11.27 7.85 -46.98
N ALA A 12 10.54 8.45 -46.05
CA ALA A 12 9.09 8.30 -46.03
C ALA A 12 8.54 9.26 -44.99
N ARG A 13 7.22 9.41 -44.98
CA ARG A 13 6.61 10.27 -43.96
C ARG A 13 6.86 9.70 -42.56
N GLY A 14 6.13 8.64 -42.22
CA GLY A 14 6.32 7.97 -40.94
C GLY A 14 6.28 8.91 -39.75
N ARG A 15 7.11 8.61 -38.76
CA ARG A 15 7.16 9.38 -37.52
C ARG A 15 8.10 10.58 -37.58
N MET A 16 8.66 10.88 -38.77
CA MET A 16 9.61 11.99 -38.93
C MET A 16 8.96 13.19 -39.61
N GLU A 17 7.84 12.96 -40.30
CA GLU A 17 7.22 14.00 -41.12
C GLU A 17 6.80 15.20 -40.25
N SER A 18 6.24 14.97 -39.07
CA SER A 18 5.80 16.07 -38.22
C SER A 18 6.98 16.98 -37.88
N THR A 19 8.19 16.41 -37.78
CA THR A 19 9.40 17.16 -37.51
C THR A 19 9.85 17.91 -38.75
N ARG A 20 9.73 17.27 -39.92
CA ARG A 20 10.01 17.94 -41.20
C ARG A 20 9.16 19.19 -41.36
N TRP A 21 7.84 19.06 -41.14
CA TRP A 21 6.93 20.21 -41.21
C TRP A 21 7.34 21.30 -40.23
N LEU A 22 7.71 20.92 -39.01
CA LEU A 22 7.90 21.91 -37.96
C LEU A 22 9.17 22.71 -38.18
N LEU A 23 10.27 22.03 -38.50
CA LEU A 23 11.51 22.73 -38.84
C LEU A 23 11.32 23.63 -40.07
N ALA A 24 10.67 23.11 -41.12
CA ALA A 24 10.47 23.92 -42.32
C ALA A 24 9.61 25.15 -42.05
N ALA A 25 8.53 25.00 -41.26
CA ALA A 25 7.70 26.18 -41.00
C ALA A 25 8.44 27.21 -40.16
N ALA A 26 9.37 26.75 -39.31
CA ALA A 26 10.27 27.64 -38.58
C ALA A 26 11.34 28.25 -39.47
N GLY A 27 11.48 27.78 -40.71
CA GLY A 27 12.57 28.27 -41.54
C GLY A 27 13.94 27.84 -41.08
N VAL A 28 14.07 26.59 -40.63
CA VAL A 28 15.34 26.02 -40.24
C VAL A 28 15.74 25.03 -41.32
N GLU A 29 16.91 25.21 -41.91
CA GLU A 29 17.36 24.21 -42.86
C GLU A 29 17.96 23.01 -42.13
N PHE A 30 17.76 21.82 -42.72
CA PHE A 30 18.23 20.57 -42.12
C PHE A 30 18.65 19.61 -43.22
N GLU A 31 19.51 18.67 -42.84
CA GLU A 31 19.91 17.55 -43.69
C GLU A 31 19.20 16.28 -43.24
N GLU A 32 18.98 15.37 -44.18
CA GLU A 32 18.45 14.05 -43.88
C GLU A 32 19.48 13.00 -44.26
N LYS A 33 19.82 12.12 -43.33
CA LYS A 33 20.61 10.93 -43.65
C LYS A 33 19.64 9.76 -43.67
N PHE A 34 19.29 9.31 -44.87
CA PHE A 34 18.25 8.32 -45.06
C PHE A 34 18.77 6.93 -44.72
N ILE A 35 18.01 6.22 -43.92
CA ILE A 35 18.26 4.80 -43.67
C ILE A 35 17.69 3.99 -44.82
N LYS A 36 18.56 3.23 -45.50
CA LYS A 36 18.19 2.48 -46.69
C LYS A 36 18.19 0.97 -46.51
N SER A 37 18.72 0.45 -45.41
CA SER A 37 18.72 -1.00 -45.20
C SER A 37 18.56 -1.30 -43.71
N ALA A 38 18.37 -2.58 -43.40
CA ALA A 38 18.43 -2.99 -42.00
C ALA A 38 19.84 -2.88 -41.45
N GLU A 39 20.84 -2.93 -42.34
CA GLU A 39 22.22 -2.72 -41.92
C GLU A 39 22.50 -1.27 -41.54
N ASP A 40 21.85 -0.32 -42.20
CA ASP A 40 22.01 1.08 -41.81
C ASP A 40 21.47 1.34 -40.41
N LEU A 41 20.28 0.80 -40.09
CA LEU A 41 19.75 0.89 -38.73
C LEU A 41 20.70 0.26 -37.72
N ASP A 42 21.26 -0.90 -38.04
CA ASP A 42 22.12 -1.57 -37.07
C ASP A 42 23.41 -0.80 -36.83
N LYS A 43 23.90 -0.08 -37.84
CA LYS A 43 25.11 0.72 -37.65
C LYS A 43 24.85 1.87 -36.70
N LEU A 44 23.67 2.49 -36.80
CA LEU A 44 23.34 3.55 -35.87
C LEU A 44 23.22 3.00 -34.46
N ARG A 45 22.67 1.80 -34.32
CA ARG A 45 22.61 1.20 -33.00
C ARG A 45 24.01 0.98 -32.43
N ASN A 46 24.82 0.19 -33.13
CA ASN A 46 26.12 -0.20 -32.59
C ASN A 46 27.03 1.01 -32.40
N ASP A 47 26.80 2.08 -33.15
CA ASP A 47 27.57 3.28 -32.88
C ASP A 47 27.11 3.99 -31.61
N GLY A 48 26.06 3.50 -30.96
CA GLY A 48 25.50 4.13 -29.77
C GLY A 48 24.67 5.38 -29.97
N TYR A 49 24.12 5.60 -31.17
CA TYR A 49 23.40 6.83 -31.45
C TYR A 49 21.90 6.79 -31.09
N LEU A 50 21.34 5.62 -30.74
CA LEU A 50 19.90 5.48 -30.52
C LEU A 50 19.66 4.99 -29.10
N MET A 51 19.17 5.87 -28.22
CA MET A 51 19.01 5.50 -26.82
C MET A 51 18.18 4.23 -26.67
N PHE A 52 17.12 4.15 -27.43
CA PHE A 52 16.23 3.03 -27.35
C PHE A 52 16.24 2.23 -28.61
N GLN A 53 17.35 2.28 -29.34
CA GLN A 53 17.58 1.57 -30.58
C GLN A 53 16.59 1.81 -31.69
N GLN A 54 15.96 2.95 -31.69
CA GLN A 54 14.93 3.30 -32.66
C GLN A 54 15.20 4.63 -33.32
N VAL A 55 14.67 4.78 -34.53
CA VAL A 55 14.51 6.09 -35.13
C VAL A 55 13.03 6.43 -35.09
N PRO A 56 12.61 7.70 -35.23
CA PRO A 56 13.34 8.97 -35.49
C PRO A 56 14.49 9.29 -34.55
N MET A 57 15.57 9.82 -35.11
CA MET A 57 16.63 10.44 -34.31
C MET A 57 17.04 11.74 -35.00
N VAL A 58 17.35 12.76 -34.20
CA VAL A 58 17.68 14.07 -34.73
C VAL A 58 18.90 14.57 -33.96
N GLU A 59 19.96 14.90 -34.69
CA GLU A 59 21.15 15.51 -34.13
C GLU A 59 20.95 17.03 -34.16
N ILE A 60 20.92 17.66 -33.00
CA ILE A 60 20.68 19.09 -32.93
C ILE A 60 21.29 19.63 -31.64
N ASP A 61 22.03 20.73 -31.76
CA ASP A 61 22.55 21.47 -30.61
C ASP A 61 23.31 20.55 -29.66
N GLY A 62 24.11 19.66 -30.23
CA GLY A 62 24.97 18.76 -29.49
C GLY A 62 24.32 17.51 -28.90
N MET A 63 23.08 17.22 -29.25
CA MET A 63 22.40 16.06 -28.71
C MET A 63 21.92 15.19 -29.86
N LYS A 64 21.69 13.91 -29.56
CA LYS A 64 21.06 12.96 -30.48
C LYS A 64 19.75 12.52 -29.82
N LEU A 65 18.72 13.32 -30.09
CA LEU A 65 17.40 13.19 -29.49
C LEU A 65 16.63 12.13 -30.25
N VAL A 66 16.14 11.12 -29.53
CA VAL A 66 15.13 10.19 -30.03
C VAL A 66 13.80 10.44 -29.31
N GLN A 67 12.77 9.76 -29.80
CA GLN A 67 11.37 9.94 -29.45
C GLN A 67 10.83 11.19 -30.13
N THR A 68 9.87 10.99 -31.04
CA THR A 68 9.22 12.07 -31.78
C THR A 68 8.94 13.27 -30.89
N ARG A 69 8.35 13.04 -29.69
CA ARG A 69 7.85 14.14 -28.87
C ARG A 69 8.95 14.88 -28.13
N ALA A 70 10.08 14.22 -27.86
CA ALA A 70 11.21 14.95 -27.30
C ALA A 70 11.78 15.87 -28.36
N ILE A 71 11.95 15.33 -29.58
CA ILE A 71 12.45 16.11 -30.69
C ILE A 71 11.56 17.32 -30.91
N LEU A 72 10.27 17.09 -31.08
CA LEU A 72 9.35 18.20 -31.37
C LEU A 72 9.35 19.25 -30.26
N ASN A 73 9.33 18.81 -29.00
CA ASN A 73 9.28 19.76 -27.89
C ASN A 73 10.49 20.68 -27.88
N TYR A 74 11.69 20.13 -28.11
CA TYR A 74 12.88 20.97 -28.14
C TYR A 74 12.83 21.97 -29.28
N ILE A 75 12.48 21.50 -30.48
CA ILE A 75 12.45 22.39 -31.64
C ILE A 75 11.41 23.47 -31.46
N ALA A 76 10.23 23.12 -30.94
CA ALA A 76 9.17 24.11 -30.76
C ALA A 76 9.58 25.18 -29.77
N SER A 77 10.33 24.79 -28.73
CA SER A 77 10.79 25.78 -27.75
C SER A 77 11.88 26.65 -28.34
N LYS A 78 12.86 26.03 -29.02
CA LYS A 78 13.99 26.80 -29.52
C LYS A 78 13.53 27.90 -30.45
N TYR A 79 12.54 27.62 -31.31
CA TYR A 79 12.05 28.57 -32.29
C TYR A 79 10.72 29.22 -31.89
N ASN A 80 10.47 29.38 -30.59
CA ASN A 80 9.38 30.23 -30.11
C ASN A 80 8.01 29.83 -30.66
N LEU A 81 7.77 28.52 -30.79
CA LEU A 81 6.50 28.04 -31.31
C LEU A 81 5.77 27.22 -30.26
N TYR A 82 6.03 27.47 -28.99
CA TYR A 82 5.47 26.65 -27.92
C TYR A 82 4.75 27.49 -26.88
N GLY A 83 4.14 28.60 -27.31
CA GLY A 83 3.42 29.49 -26.42
C GLY A 83 4.35 30.41 -25.65
N LYS A 84 3.75 31.40 -24.98
CA LYS A 84 4.57 32.35 -24.23
C LYS A 84 4.68 32.05 -22.73
N ASP A 85 3.80 31.21 -22.17
CA ASP A 85 3.88 30.87 -20.76
C ASP A 85 3.40 29.42 -20.57
N ILE A 86 3.40 28.98 -19.31
CA ILE A 86 3.03 27.60 -19.00
C ILE A 86 1.58 27.33 -19.36
N LYS A 87 0.71 28.32 -19.17
CA LYS A 87 -0.70 28.07 -19.50
C LYS A 87 -0.91 27.94 -21.00
N GLU A 88 -0.25 28.77 -21.81
CA GLU A 88 -0.36 28.59 -23.24
C GLU A 88 0.17 27.23 -23.67
N ARG A 89 1.25 26.76 -23.03
CA ARG A 89 1.72 25.41 -23.32
C ARG A 89 0.65 24.37 -23.07
N ALA A 90 -0.11 24.51 -21.98
CA ALA A 90 -1.11 23.51 -21.67
C ALA A 90 -2.17 23.44 -22.76
N LEU A 91 -2.66 24.59 -23.20
CA LEU A 91 -3.58 24.62 -24.34
C LEU A 91 -2.95 23.98 -25.58
N ILE A 92 -1.73 24.39 -25.93
CA ILE A 92 -1.06 23.82 -27.10
C ILE A 92 -0.96 22.31 -26.95
N ASP A 93 -0.47 21.85 -25.79
CA ASP A 93 -0.28 20.43 -25.55
C ASP A 93 -1.60 19.68 -25.65
N MET A 94 -2.66 20.23 -25.06
CA MET A 94 -3.96 19.57 -25.14
C MET A 94 -4.38 19.43 -26.59
N TYR A 95 -4.26 20.52 -27.37
CA TYR A 95 -4.56 20.50 -28.80
C TYR A 95 -3.70 19.52 -29.57
N ILE A 96 -2.38 19.58 -29.40
CA ILE A 96 -1.54 18.79 -30.29
C ILE A 96 -1.61 17.31 -29.94
N GLU A 97 -1.92 16.97 -28.69
CA GLU A 97 -1.99 15.55 -28.35
C GLU A 97 -3.27 14.92 -28.91
N GLY A 98 -4.37 15.68 -28.95
CA GLY A 98 -5.53 15.25 -29.72
C GLY A 98 -5.20 15.04 -31.18
N ILE A 99 -4.45 15.97 -31.79
CA ILE A 99 -3.99 15.78 -33.15
C ILE A 99 -3.13 14.54 -33.28
N ALA A 100 -2.32 14.25 -32.28
CA ALA A 100 -1.47 13.06 -32.36
C ALA A 100 -2.32 11.80 -32.31
N ASP A 101 -3.33 11.79 -31.46
CA ASP A 101 -4.21 10.63 -31.37
C ASP A 101 -4.81 10.30 -32.73
N LEU A 102 -5.36 11.31 -33.40
CA LEU A 102 -5.95 11.10 -34.71
C LEU A 102 -4.88 10.78 -35.76
N GLY A 103 -3.77 11.51 -35.72
CA GLY A 103 -2.67 11.21 -36.61
C GLY A 103 -2.16 9.79 -36.40
N GLU A 104 -2.28 9.26 -35.18
CA GLU A 104 -1.77 7.92 -34.94
C GLU A 104 -2.62 6.88 -35.64
N MET A 105 -3.95 7.00 -35.53
CA MET A 105 -4.82 6.07 -36.23
C MET A 105 -4.55 6.09 -37.73
N ILE A 106 -4.43 7.28 -38.31
CA ILE A 106 -4.19 7.42 -39.74
C ILE A 106 -2.84 6.82 -40.11
N LEU A 107 -1.81 7.07 -39.30
CA LEU A 107 -0.46 6.59 -39.62
C LEU A 107 -0.42 5.07 -39.72
N LEU A 108 -1.23 4.38 -38.91
CA LEU A 108 -1.18 2.92 -38.86
C LEU A 108 -2.26 2.26 -39.69
N LEU A 109 -2.98 2.98 -40.52
CA LEU A 109 -3.99 2.36 -41.36
C LEU A 109 -3.38 1.26 -42.23
N PRO A 110 -2.28 1.58 -42.86
CA PRO A 110 -1.47 0.67 -43.65
C PRO A 110 -1.02 -0.56 -42.84
N LYS A 117 -9.52 -2.85 -41.71
CA LYS A 117 -8.99 -1.79 -42.55
C LYS A 117 -10.12 -0.87 -42.94
N ASP A 118 -11.15 -1.44 -43.54
CA ASP A 118 -12.29 -0.67 -43.91
C ASP A 118 -12.99 -0.42 -42.59
N ALA A 119 -12.82 -1.34 -41.69
CA ALA A 119 -13.43 -1.16 -40.36
C ALA A 119 -12.77 -0.02 -39.59
N LYS A 120 -11.44 0.04 -39.67
CA LYS A 120 -10.67 1.08 -39.00
C LYS A 120 -10.85 2.45 -39.64
N LEU A 121 -10.84 2.50 -40.97
CA LEU A 121 -10.99 3.75 -41.70
C LEU A 121 -12.36 4.36 -41.46
N ALA A 122 -13.40 3.53 -41.44
CA ALA A 122 -14.75 4.00 -41.18
C ALA A 122 -14.83 4.66 -39.80
N LEU A 123 -14.04 4.15 -38.85
CA LEU A 123 -14.01 4.74 -37.51
C LEU A 123 -13.17 6.01 -37.47
N ILE A 124 -12.06 6.05 -38.20
CA ILE A 124 -11.30 7.28 -38.36
C ILE A 124 -12.19 8.41 -38.90
N LYS A 125 -12.98 8.13 -39.94
CA LYS A 125 -13.82 9.19 -40.52
C LYS A 125 -14.88 9.71 -39.56
N GLU A 126 -15.51 8.81 -38.81
CA GLU A 126 -16.57 9.25 -37.89
C GLU A 126 -16.02 10.12 -36.75
N LYS A 127 -14.85 9.76 -36.23
CA LYS A 127 -14.27 10.51 -35.12
C LYS A 127 -13.79 11.89 -35.59
N ILE A 128 -13.38 11.98 -36.86
CA ILE A 128 -13.04 13.26 -37.48
C ILE A 128 -14.25 14.19 -37.51
N LYS A 129 -15.36 13.72 -38.10
CA LYS A 129 -16.53 14.59 -38.24
C LYS A 129 -17.17 14.96 -36.90
N ASN A 130 -17.19 14.04 -35.92
CA ASN A 130 -17.96 14.28 -34.71
C ASN A 130 -17.13 14.52 -33.45
N ARG A 131 -15.81 14.38 -33.50
CA ARG A 131 -15.05 14.54 -32.26
C ARG A 131 -13.96 15.57 -32.48
N TYR A 132 -13.03 15.31 -33.39
CA TYR A 132 -11.83 16.14 -33.50
C TYR A 132 -12.06 17.42 -34.30
N PHE A 133 -12.70 17.33 -35.45
CA PHE A 133 -12.88 18.51 -36.26
C PHE A 133 -13.80 19.52 -35.58
N PRO A 134 -14.88 19.06 -34.92
CA PRO A 134 -15.68 20.03 -34.13
C PRO A 134 -14.91 20.68 -33.00
N ALA A 135 -14.01 19.93 -32.35
CA ALA A 135 -13.27 20.47 -31.20
C ALA A 135 -12.39 21.64 -31.60
N PHE A 136 -11.72 21.54 -32.76
CA PHE A 136 -10.83 22.62 -33.17
C PHE A 136 -11.61 23.76 -33.80
N GLU A 137 -12.62 23.44 -34.62
CA GLU A 137 -13.54 24.48 -35.05
C GLU A 137 -14.09 25.30 -33.88
N LYS A 138 -14.48 24.62 -32.79
CA LYS A 138 -14.96 25.36 -31.62
C LYS A 138 -13.89 26.30 -31.07
N VAL A 139 -12.66 25.83 -30.97
CA VAL A 139 -11.56 26.69 -30.51
C VAL A 139 -11.41 27.91 -31.42
N LEU A 140 -11.39 27.71 -32.75
CA LEU A 140 -11.22 28.88 -33.61
C LEU A 140 -12.44 29.80 -33.57
N LYS A 141 -13.65 29.26 -33.52
CA LYS A 141 -14.81 30.15 -33.40
C LYS A 141 -14.80 30.87 -32.06
N SER A 142 -14.34 30.21 -31.00
CA SER A 142 -14.44 30.80 -29.67
C SER A 142 -13.76 32.18 -29.63
N HIS A 143 -12.62 32.36 -30.32
CA HIS A 143 -11.86 33.60 -30.25
C HIS A 143 -11.75 34.32 -31.59
N GLY A 144 -12.05 33.64 -32.70
CA GLY A 144 -12.10 34.30 -33.99
C GLY A 144 -10.78 34.86 -34.47
N GLN A 145 -9.68 34.34 -33.98
CA GLN A 145 -8.35 34.79 -34.40
C GLN A 145 -7.72 33.79 -35.37
N ASP A 146 -6.65 34.25 -36.02
CA ASP A 146 -6.00 33.49 -37.09
C ASP A 146 -5.24 32.26 -36.60
N TYR A 147 -4.87 32.20 -35.32
CA TYR A 147 -4.10 31.08 -34.82
C TYR A 147 -4.78 30.44 -33.65
N LEU A 148 -4.50 29.15 -33.49
CA LEU A 148 -5.18 28.39 -32.45
C LEU A 148 -4.93 28.98 -31.07
N VAL A 149 -3.71 29.42 -30.80
CA VAL A 149 -3.38 29.76 -29.43
C VAL A 149 -2.60 31.08 -29.35
N GLY A 150 -3.08 31.98 -28.50
CA GLY A 150 -2.35 33.19 -28.20
C GLY A 150 -2.30 34.19 -29.32
N ASN A 151 -3.14 34.05 -30.33
CA ASN A 151 -3.15 34.98 -31.46
C ASN A 151 -1.80 35.10 -32.15
N LYS A 152 -1.02 34.03 -32.13
CA LYS A 152 0.32 34.02 -32.68
C LYS A 152 0.55 32.63 -33.22
N LEU A 153 1.25 32.54 -34.34
CA LEU A 153 1.53 31.22 -34.92
C LEU A 153 2.23 30.36 -33.89
N SER A 154 1.77 29.12 -33.75
CA SER A 154 2.38 28.15 -32.84
C SER A 154 2.43 26.78 -33.51
N ARG A 155 3.12 25.84 -32.85
CA ARG A 155 3.23 24.48 -33.34
C ARG A 155 1.85 23.82 -33.47
N ALA A 156 0.90 24.20 -32.62
CA ALA A 156 -0.44 23.67 -32.76
C ALA A 156 -0.96 23.91 -34.19
N ASP A 157 -0.83 25.14 -34.68
CA ASP A 157 -1.28 25.44 -36.04
C ASP A 157 -0.55 24.57 -37.06
N ILE A 158 0.76 24.43 -36.93
CA ILE A 158 1.51 23.63 -37.90
C ILE A 158 1.05 22.18 -37.86
N HIS A 159 1.05 21.59 -36.67
CA HIS A 159 0.66 20.19 -36.54
C HIS A 159 -0.75 19.94 -37.05
N LEU A 160 -1.68 20.87 -36.76
CA LEU A 160 -3.05 20.66 -37.19
C LEU A 160 -3.16 20.75 -38.72
N VAL A 161 -2.55 21.77 -39.32
CA VAL A 161 -2.71 21.94 -40.76
C VAL A 161 -2.05 20.79 -41.52
N GLU A 162 -0.92 20.28 -41.03
CA GLU A 162 -0.36 19.09 -41.64
C GLU A 162 -1.40 17.96 -41.65
N LEU A 163 -2.08 17.76 -40.53
CA LEU A 163 -3.09 16.73 -40.45
C LEU A 163 -4.27 17.02 -41.38
N LEU A 164 -4.71 18.27 -41.42
CA LEU A 164 -5.71 18.68 -42.40
C LEU A 164 -5.34 18.19 -43.79
N TYR A 165 -4.05 18.28 -44.17
CA TYR A 165 -3.64 17.71 -45.45
C TYR A 165 -3.86 16.21 -45.53
N TYR A 166 -3.50 15.45 -44.49
CA TYR A 166 -3.69 14.00 -44.55
C TYR A 166 -5.17 13.61 -44.56
N VAL A 167 -6.02 14.36 -43.85
CA VAL A 167 -7.46 14.08 -43.92
C VAL A 167 -7.97 14.30 -45.33
N GLU A 168 -7.49 15.34 -46.01
CA GLU A 168 -7.93 15.57 -47.38
C GLU A 168 -7.56 14.38 -48.26
N GLU A 169 -6.35 13.85 -48.09
CA GLU A 169 -5.96 12.66 -48.82
C GLU A 169 -6.92 11.50 -48.58
N LEU A 170 -7.49 11.40 -47.38
CA LEU A 170 -8.33 10.25 -47.11
C LEU A 170 -9.77 10.48 -47.53
N ASP A 171 -10.26 11.70 -47.37
CA ASP A 171 -11.63 12.04 -47.74
C ASP A 171 -11.76 13.55 -47.77
N SER A 172 -11.83 14.09 -48.99
CA SER A 172 -11.85 15.54 -49.18
C SER A 172 -13.11 16.16 -48.62
N SER A 173 -14.20 15.40 -48.52
CA SER A 173 -15.44 15.94 -47.96
C SER A 173 -15.45 16.12 -46.43
N LEU A 174 -14.50 15.56 -45.68
CA LEU A 174 -14.60 15.63 -44.21
C LEU A 174 -14.43 17.05 -43.68
N ILE A 175 -13.72 17.91 -44.41
CA ILE A 175 -13.49 19.26 -43.92
C ILE A 175 -14.65 20.18 -44.25
N SER A 176 -15.55 19.75 -45.15
CA SER A 176 -16.40 20.69 -45.87
C SER A 176 -17.37 21.42 -44.95
N SER A 177 -17.78 20.81 -43.86
CA SER A 177 -18.65 21.44 -42.88
C SER A 177 -17.92 22.21 -41.80
N PHE A 178 -16.63 22.47 -41.99
CA PHE A 178 -15.80 23.17 -41.01
C PHE A 178 -15.10 24.34 -41.68
N PRO A 179 -15.79 25.48 -41.84
CA PRO A 179 -15.16 26.59 -42.57
C PRO A 179 -13.89 27.17 -41.93
N LEU A 180 -13.84 27.31 -40.59
CA LEU A 180 -12.65 27.90 -40.00
C LEU A 180 -11.43 26.97 -40.10
N LEU A 181 -11.64 25.66 -40.17
CA LEU A 181 -10.49 24.79 -40.43
C LEU A 181 -9.98 25.01 -41.86
N LYS A 182 -10.91 25.09 -42.82
CA LYS A 182 -10.56 25.46 -44.19
C LYS A 182 -9.71 26.74 -44.21
N ALA A 183 -10.19 27.79 -43.52
CA ALA A 183 -9.50 29.08 -43.56
C ALA A 183 -8.11 28.99 -42.91
N LEU A 184 -8.01 28.34 -41.75
CA LEU A 184 -6.70 28.11 -41.15
C LEU A 184 -5.76 27.42 -42.13
N LYS A 185 -6.24 26.35 -42.78
CA LYS A 185 -5.43 25.61 -43.75
C LYS A 185 -4.89 26.55 -44.83
N THR A 186 -5.75 27.44 -45.35
CA THR A 186 -5.30 28.36 -46.38
C THR A 186 -4.27 29.35 -45.83
N ARG A 187 -4.58 29.98 -44.70
CA ARG A 187 -3.67 30.98 -44.14
C ARG A 187 -2.31 30.40 -43.84
N ILE A 188 -2.28 29.22 -43.19
CA ILE A 188 -1.01 28.61 -42.80
C ILE A 188 -0.24 28.16 -44.05
N SER A 189 -0.92 27.47 -44.96
CA SER A 189 -0.28 27.08 -46.21
C SER A 189 0.31 28.27 -46.96
N ASN A 190 -0.22 29.49 -46.76
CA ASN A 190 0.30 30.66 -47.45
C ASN A 190 1.43 31.37 -46.73
N LEU A 191 1.70 31.03 -45.47
CA LEU A 191 2.90 31.52 -44.82
C LEU A 191 4.10 31.13 -45.69
N PRO A 192 5.07 32.05 -45.93
CA PRO A 192 6.13 31.74 -46.90
C PRO A 192 6.95 30.48 -46.65
N THR A 193 7.24 30.15 -45.38
CA THR A 193 8.02 28.94 -45.13
C THR A 193 7.20 27.69 -45.44
N VAL A 194 5.94 27.68 -45.05
CA VAL A 194 5.08 26.53 -45.35
C VAL A 194 4.77 26.44 -46.85
N LYS A 195 4.58 27.58 -47.51
CA LYS A 195 4.27 27.54 -48.94
C LYS A 195 5.45 26.95 -49.72
N LYS A 196 6.69 27.35 -49.38
CA LYS A 196 7.87 26.68 -49.92
C LYS A 196 7.85 25.19 -49.68
N PHE A 197 7.69 24.80 -48.42
CA PHE A 197 7.69 23.40 -48.07
C PHE A 197 6.62 22.63 -48.86
N LEU A 198 5.49 23.28 -49.14
CA LEU A 198 4.44 22.61 -49.91
C LEU A 198 4.79 22.49 -51.39
N GLN A 199 5.69 23.33 -51.91
CA GLN A 199 6.05 23.28 -53.33
C GLN A 199 6.96 22.08 -53.61
N PRO A 200 6.97 21.60 -54.86
CA PRO A 200 7.74 20.38 -55.16
C PRO A 200 9.22 20.59 -54.91
N GLY A 201 9.89 19.47 -54.67
CA GLY A 201 11.31 19.47 -54.39
C GLY A 201 11.69 19.79 -52.97
N SER A 202 10.72 19.94 -52.07
CA SER A 202 11.01 20.15 -50.65
C SER A 202 11.20 18.81 -49.96
N PRO A 203 11.72 18.81 -48.74
CA PRO A 203 11.80 17.54 -48.00
C PRO A 203 10.46 16.92 -47.66
N ARG A 204 9.34 17.59 -47.91
CA ARG A 204 8.06 16.98 -47.64
C ARG A 204 7.93 15.65 -48.38
N LYS A 205 7.29 14.67 -47.70
CA LYS A 205 7.32 13.31 -48.23
C LYS A 205 5.95 12.90 -48.75
N PRO A 206 5.91 12.00 -49.73
CA PRO A 206 4.61 11.56 -50.29
C PRO A 206 3.89 10.59 -49.39
N PRO A 207 2.63 10.28 -49.68
CA PRO A 207 1.98 9.14 -49.02
C PRO A 207 2.78 7.90 -49.32
N MET A 208 2.69 6.92 -48.44
CA MET A 208 3.54 5.75 -48.60
C MET A 208 2.96 4.72 -49.57
N LYS B 4 -7.16 23.50 -5.36
CA LYS B 4 -6.90 22.06 -5.32
C LYS B 4 -7.30 21.38 -6.63
N PRO B 5 -6.33 20.77 -7.32
CA PRO B 5 -6.54 20.09 -8.57
C PRO B 5 -7.56 19.02 -8.41
N LYS B 6 -8.50 18.92 -9.32
CA LYS B 6 -9.57 17.91 -9.22
C LYS B 6 -9.41 16.91 -10.37
N LEU B 7 -9.13 15.65 -10.03
CA LEU B 7 -8.86 14.60 -11.01
C LEU B 7 -10.14 13.83 -11.36
N HIS B 8 -10.47 13.81 -12.65
CA HIS B 8 -11.64 13.14 -13.21
C HIS B 8 -11.17 11.89 -13.96
N TYR B 9 -11.39 10.73 -13.38
CA TYR B 9 -11.10 9.43 -13.98
C TYR B 9 -12.01 8.39 -13.35
N PHE B 10 -11.75 7.11 -13.62
CA PHE B 10 -12.45 6.08 -12.85
C PHE B 10 -11.52 5.55 -11.77
N ASN B 11 -12.10 4.85 -10.80
CA ASN B 11 -11.35 4.42 -9.63
C ASN B 11 -10.47 3.28 -10.10
N ALA B 12 -9.36 3.64 -10.73
CA ALA B 12 -8.42 2.65 -11.21
C ALA B 12 -7.14 3.38 -11.60
N ARG B 13 -6.08 2.62 -11.82
CA ARG B 13 -4.83 3.24 -12.24
C ARG B 13 -5.00 3.91 -13.61
N GLY B 14 -5.12 3.09 -14.66
CA GLY B 14 -5.37 3.59 -16.01
C GLY B 14 -4.41 4.67 -16.45
N ARG B 15 -4.96 5.68 -17.13
CA ARG B 15 -4.12 6.75 -17.63
C ARG B 15 -4.02 7.92 -16.65
N MET B 16 -4.55 7.75 -15.44
CA MET B 16 -4.52 8.82 -14.45
C MET B 16 -3.47 8.59 -13.39
N GLU B 17 -3.02 7.35 -13.23
CA GLU B 17 -2.12 6.99 -12.14
C GLU B 17 -0.83 7.80 -12.17
N SER B 18 -0.26 8.02 -13.35
CA SER B 18 1.02 8.73 -13.42
C SER B 18 0.88 10.17 -12.96
N THR B 19 -0.31 10.74 -13.13
CA THR B 19 -0.62 12.07 -12.60
C THR B 19 -0.70 12.06 -11.08
N ARG B 20 -1.44 11.09 -10.50
CA ARG B 20 -1.46 10.92 -9.05
C ARG B 20 -0.04 10.85 -8.47
N TRP B 21 0.80 9.97 -9.04
CA TRP B 21 2.20 9.87 -8.61
C TRP B 21 2.88 11.23 -8.65
N LEU B 22 2.72 11.96 -9.76
CA LEU B 22 3.50 13.17 -9.91
C LEU B 22 3.03 14.24 -8.93
N LEU B 23 1.72 14.43 -8.81
CA LEU B 23 1.19 15.36 -7.81
C LEU B 23 1.63 14.99 -6.39
N ALA B 24 1.49 13.72 -6.02
CA ALA B 24 1.90 13.31 -4.67
C ALA B 24 3.37 13.63 -4.42
N ALA B 25 4.25 13.26 -5.35
CA ALA B 25 5.67 13.54 -5.18
C ALA B 25 5.93 15.03 -5.02
N ALA B 26 5.15 15.86 -5.69
CA ALA B 26 5.33 17.28 -5.48
C ALA B 26 4.59 17.76 -4.25
N GLY B 27 4.07 16.84 -3.44
CA GLY B 27 3.38 17.25 -2.22
C GLY B 27 2.18 18.13 -2.51
N VAL B 28 1.41 17.82 -3.55
CA VAL B 28 0.24 18.61 -3.91
C VAL B 28 -0.97 17.76 -3.57
N GLU B 29 -1.80 18.22 -2.65
CA GLU B 29 -3.02 17.45 -2.37
C GLU B 29 -4.08 17.76 -3.43
N PHE B 30 -4.81 16.72 -3.81
CA PHE B 30 -5.82 16.82 -4.83
C PHE B 30 -7.07 16.03 -4.44
N GLU B 31 -8.20 16.40 -5.05
CA GLU B 31 -9.43 15.63 -4.98
C GLU B 31 -9.61 14.81 -6.26
N GLU B 32 -10.24 13.65 -6.12
CA GLU B 32 -10.63 12.84 -7.25
C GLU B 32 -12.15 12.75 -7.27
N LYS B 33 -12.76 12.93 -8.45
CA LYS B 33 -14.21 12.80 -8.59
C LYS B 33 -14.40 11.58 -9.51
N PHE B 34 -14.61 10.40 -8.94
CA PHE B 34 -14.61 9.15 -9.69
C PHE B 34 -15.84 8.99 -10.60
N ILE B 35 -15.56 8.61 -11.83
CA ILE B 35 -16.63 8.18 -12.72
C ILE B 35 -17.02 6.75 -12.37
N LYS B 36 -18.32 6.52 -12.26
CA LYS B 36 -18.92 5.22 -11.97
C LYS B 36 -19.79 4.68 -13.08
N SER B 37 -20.23 5.51 -14.02
CA SER B 37 -21.16 5.06 -15.03
C SER B 37 -20.84 5.65 -16.39
N ALA B 38 -21.38 5.01 -17.44
CA ALA B 38 -21.40 5.70 -18.72
C ALA B 38 -22.21 6.99 -18.59
N GLU B 39 -23.23 6.93 -17.73
CA GLU B 39 -24.05 8.09 -17.41
C GLU B 39 -23.22 9.27 -16.91
N ASP B 40 -22.34 9.01 -15.94
CA ASP B 40 -21.48 10.05 -15.37
C ASP B 40 -20.45 10.58 -16.35
N LEU B 41 -19.98 9.74 -17.28
CA LEU B 41 -19.07 10.19 -18.32
C LEU B 41 -19.77 11.11 -19.31
N ASP B 42 -21.00 10.76 -19.67
CA ASP B 42 -21.76 11.57 -20.62
C ASP B 42 -22.15 12.90 -19.98
N LYS B 43 -22.36 12.92 -18.67
CA LYS B 43 -22.53 14.16 -17.92
C LYS B 43 -21.35 15.11 -18.13
N LEU B 44 -20.14 14.58 -18.06
CA LEU B 44 -18.95 15.40 -18.33
C LEU B 44 -18.91 15.87 -19.78
N ARG B 45 -19.30 15.00 -20.72
CA ARG B 45 -19.21 15.34 -22.14
C ARG B 45 -20.20 16.44 -22.51
N ASN B 46 -21.44 16.27 -22.06
CA ASN B 46 -22.52 17.16 -22.34
C ASN B 46 -22.33 18.49 -21.69
N ASP B 47 -21.78 18.48 -20.50
CA ASP B 47 -21.35 19.71 -19.85
C ASP B 47 -20.10 20.33 -20.54
N GLY B 48 -19.64 19.85 -21.70
CA GLY B 48 -18.52 20.47 -22.39
C GLY B 48 -17.18 20.40 -21.70
N TYR B 49 -17.04 19.56 -20.66
CA TYR B 49 -15.82 19.53 -19.84
C TYR B 49 -14.67 18.78 -20.51
N LEU B 50 -14.91 18.01 -21.56
CA LEU B 50 -13.89 17.17 -22.15
C LEU B 50 -13.70 17.62 -23.61
N MET B 51 -12.57 18.28 -23.89
CA MET B 51 -12.35 18.83 -25.23
C MET B 51 -12.55 17.77 -26.30
N PHE B 52 -12.08 16.56 -26.03
CA PHE B 52 -12.21 15.43 -26.94
C PHE B 52 -13.18 14.37 -26.46
N GLN B 53 -14.04 14.67 -25.49
CA GLN B 53 -14.98 13.65 -24.98
C GLN B 53 -14.26 12.49 -24.27
N GLN B 54 -13.16 12.78 -23.58
CA GLN B 54 -12.34 11.73 -23.00
C GLN B 54 -11.82 12.13 -21.62
N VAL B 55 -11.62 11.14 -20.76
CA VAL B 55 -10.85 11.36 -19.54
C VAL B 55 -9.57 10.57 -19.78
N PRO B 56 -8.45 10.87 -19.09
CA PRO B 56 -8.25 11.80 -17.97
C PRO B 56 -8.62 13.27 -18.25
N MET B 57 -9.20 13.91 -17.23
CA MET B 57 -9.38 15.34 -17.24
C MET B 57 -8.99 15.86 -15.85
N VAL B 58 -8.32 17.02 -15.80
CA VAL B 58 -7.89 17.63 -14.56
C VAL B 58 -8.33 19.08 -14.53
N GLU B 59 -9.01 19.48 -13.45
CA GLU B 59 -9.32 20.88 -13.19
C GLU B 59 -8.16 21.44 -12.39
N ILE B 60 -7.42 22.37 -12.97
CA ILE B 60 -6.28 22.96 -12.29
C ILE B 60 -6.06 24.37 -12.83
N ASP B 61 -5.91 25.33 -11.93
CA ASP B 61 -5.51 26.69 -12.28
C ASP B 61 -6.41 27.32 -13.33
N GLY B 62 -7.70 26.96 -13.32
CA GLY B 62 -8.68 27.57 -14.19
C GLY B 62 -9.01 26.79 -15.43
N MET B 63 -8.20 25.79 -15.77
CA MET B 63 -8.33 25.04 -17.00
C MET B 63 -8.97 23.69 -16.75
N LYS B 64 -9.52 23.14 -17.81
CA LYS B 64 -10.05 21.78 -17.85
C LYS B 64 -9.13 20.98 -18.80
N LEU B 65 -7.99 20.54 -18.26
CA LEU B 65 -6.93 19.91 -19.05
C LEU B 65 -7.26 18.44 -19.28
N VAL B 66 -7.44 18.06 -20.55
CA VAL B 66 -7.44 16.66 -20.95
C VAL B 66 -6.11 16.30 -21.60
N GLN B 67 -5.97 15.03 -22.02
CA GLN B 67 -4.75 14.45 -22.57
C GLN B 67 -3.68 14.19 -21.51
N THR B 68 -3.32 12.92 -21.23
CA THR B 68 -2.33 12.63 -20.19
C THR B 68 -1.12 13.56 -20.29
N ARG B 69 -0.56 13.71 -21.49
CA ARG B 69 0.70 14.43 -21.59
C ARG B 69 0.53 15.94 -21.40
N ALA B 70 -0.63 16.50 -21.75
CA ALA B 70 -0.88 17.90 -21.42
C ALA B 70 -0.92 18.11 -19.92
N ILE B 71 -1.64 17.23 -19.21
CA ILE B 71 -1.69 17.28 -17.75
C ILE B 71 -0.27 17.21 -17.17
N LEU B 72 0.48 16.18 -17.54
CA LEU B 72 1.78 15.94 -16.90
C LEU B 72 2.76 17.08 -17.18
N ASN B 73 2.87 17.52 -18.44
CA ASN B 73 3.77 18.61 -18.78
C ASN B 73 3.48 19.86 -17.96
N TYR B 74 2.19 20.18 -17.75
CA TYR B 74 1.81 21.35 -16.97
C TYR B 74 2.13 21.17 -15.48
N ILE B 75 1.76 20.04 -14.89
CA ILE B 75 2.10 19.83 -13.48
C ILE B 75 3.60 19.85 -13.27
N ALA B 76 4.35 19.30 -14.24
CA ALA B 76 5.81 19.21 -14.08
C ALA B 76 6.46 20.59 -14.08
N SER B 77 5.97 21.50 -14.93
CA SER B 77 6.52 22.86 -14.98
C SER B 77 6.10 23.67 -13.76
N LYS B 78 4.82 23.61 -13.41
CA LYS B 78 4.31 24.38 -12.28
C LYS B 78 5.15 24.14 -11.03
N TYR B 79 5.39 22.87 -10.70
CA TYR B 79 6.13 22.48 -9.49
C TYR B 79 7.61 22.17 -9.74
N ASN B 80 8.19 22.69 -10.82
CA ASN B 80 9.65 22.74 -11.00
C ASN B 80 10.26 21.34 -11.04
N LEU B 81 9.55 20.40 -11.67
CA LEU B 81 10.07 19.05 -11.88
C LEU B 81 10.33 18.77 -13.34
N TYR B 82 10.52 19.83 -14.13
CA TYR B 82 10.76 19.72 -15.57
C TYR B 82 12.16 20.17 -15.97
N GLY B 83 13.08 20.27 -15.06
CA GLY B 83 14.39 20.73 -15.44
C GLY B 83 14.51 22.22 -15.42
N LYS B 84 15.67 22.75 -15.77
CA LYS B 84 15.84 24.18 -15.70
C LYS B 84 16.02 24.89 -17.00
N ASP B 85 16.15 24.14 -18.08
CA ASP B 85 16.28 24.73 -19.40
C ASP B 85 15.78 23.74 -20.46
N ILE B 86 15.68 24.13 -21.72
CA ILE B 86 15.08 23.27 -22.73
C ILE B 86 16.02 22.16 -23.13
N LYS B 87 17.32 22.31 -22.88
CA LYS B 87 18.21 21.17 -23.06
C LYS B 87 17.99 20.12 -21.97
N GLU B 88 17.76 20.55 -20.73
CA GLU B 88 17.36 19.57 -19.70
C GLU B 88 15.97 19.00 -19.97
N ARG B 89 15.05 19.83 -20.48
CA ARG B 89 13.74 19.28 -20.79
C ARG B 89 13.83 18.27 -21.94
N ALA B 90 14.85 18.38 -22.80
CA ALA B 90 14.93 17.44 -23.90
C ALA B 90 15.43 16.07 -23.43
N LEU B 91 16.41 16.05 -22.53
CA LEU B 91 16.79 14.80 -21.88
C LEU B 91 15.60 14.17 -21.16
N ILE B 92 14.91 14.96 -20.34
CA ILE B 92 13.75 14.43 -19.62
C ILE B 92 12.73 13.87 -20.61
N ASP B 93 12.41 14.64 -21.65
CA ASP B 93 11.41 14.19 -22.61
C ASP B 93 11.82 12.91 -23.31
N MET B 94 13.08 12.82 -23.72
CA MET B 94 13.55 11.58 -24.34
C MET B 94 13.41 10.40 -23.38
N TYR B 95 13.72 10.61 -22.08
CA TYR B 95 13.60 9.53 -21.08
C TYR B 95 12.16 9.13 -20.86
N ILE B 96 11.30 10.09 -20.53
CA ILE B 96 9.95 9.73 -20.15
C ILE B 96 9.14 9.20 -21.33
N GLU B 97 9.51 9.54 -22.56
CA GLU B 97 8.80 8.96 -23.69
C GLU B 97 9.21 7.51 -23.93
N GLY B 98 10.46 7.17 -23.66
CA GLY B 98 10.80 5.76 -23.61
C GLY B 98 9.98 5.05 -22.54
N ILE B 99 9.91 5.65 -21.35
CA ILE B 99 9.11 5.11 -20.25
C ILE B 99 7.65 4.97 -20.66
N ALA B 100 7.08 6.02 -21.26
CA ALA B 100 5.67 5.93 -21.63
C ALA B 100 5.40 4.87 -22.70
N ASP B 101 6.39 4.57 -23.54
CA ASP B 101 6.23 3.54 -24.55
C ASP B 101 6.11 2.16 -23.88
N LEU B 102 6.97 1.90 -22.90
CA LEU B 102 6.90 0.63 -22.16
C LEU B 102 5.66 0.60 -21.27
N GLY B 103 5.40 1.69 -20.55
CA GLY B 103 4.18 1.77 -19.77
C GLY B 103 2.95 1.48 -20.58
N GLU B 104 2.91 2.00 -21.81
CA GLU B 104 1.76 1.78 -22.69
C GLU B 104 1.57 0.30 -22.97
N MET B 105 2.65 -0.43 -23.25
CA MET B 105 2.54 -1.87 -23.47
C MET B 105 1.97 -2.57 -22.25
N ILE B 106 2.43 -2.19 -21.05
CA ILE B 106 1.97 -2.85 -19.84
C ILE B 106 0.51 -2.47 -19.58
N LEU B 107 0.17 -1.20 -19.76
CA LEU B 107 -1.20 -0.78 -19.55
C LEU B 107 -2.19 -1.60 -20.38
N LEU B 108 -1.79 -2.04 -21.59
CA LEU B 108 -2.69 -2.68 -22.53
C LEU B 108 -2.62 -4.21 -22.54
N LEU B 109 -1.73 -4.81 -21.76
CA LEU B 109 -1.70 -6.27 -21.61
C LEU B 109 -3.03 -6.92 -21.25
N PRO B 110 -3.77 -6.46 -20.24
CA PRO B 110 -5.02 -7.18 -19.89
C PRO B 110 -6.08 -7.13 -20.98
N VAL B 111 -6.04 -6.12 -21.85
CA VAL B 111 -7.02 -6.00 -22.92
C VAL B 111 -6.54 -6.66 -24.21
N CYS B 112 -5.37 -7.28 -24.20
CA CYS B 112 -4.93 -7.99 -25.38
C CYS B 112 -5.89 -9.14 -25.66
N PRO B 113 -6.07 -9.51 -26.93
CA PRO B 113 -6.79 -10.74 -27.25
C PRO B 113 -6.12 -11.96 -26.61
N PRO B 114 -6.90 -12.83 -25.94
CA PRO B 114 -6.27 -13.90 -25.13
C PRO B 114 -5.25 -14.74 -25.87
N GLU B 115 -5.43 -14.95 -27.17
CA GLU B 115 -4.46 -15.73 -27.93
C GLU B 115 -3.14 -14.98 -28.15
N GLU B 116 -3.13 -13.66 -28.04
CA GLU B 116 -1.92 -12.86 -28.18
C GLU B 116 -1.21 -12.56 -26.86
N LYS B 117 -1.79 -12.89 -25.71
CA LYS B 117 -1.26 -12.37 -24.46
C LYS B 117 0.08 -13.00 -24.11
N ASP B 118 0.29 -14.26 -24.43
CA ASP B 118 1.57 -14.87 -24.13
C ASP B 118 2.71 -14.21 -24.88
N ALA B 119 2.53 -13.98 -26.20
CA ALA B 119 3.58 -13.34 -27.00
C ALA B 119 3.85 -11.91 -26.56
N LYS B 120 2.78 -11.16 -26.33
CA LYS B 120 2.88 -9.77 -25.91
C LYS B 120 3.66 -9.65 -24.61
N LEU B 121 3.30 -10.46 -23.61
CA LEU B 121 4.00 -10.42 -22.33
C LEU B 121 5.46 -10.82 -22.53
N ALA B 122 5.69 -11.88 -23.30
CA ALA B 122 7.07 -12.29 -23.63
C ALA B 122 7.82 -11.12 -24.23
N LEU B 123 7.21 -10.42 -25.19
CA LEU B 123 7.85 -9.27 -25.82
C LEU B 123 8.14 -8.16 -24.80
N ILE B 124 7.17 -7.84 -23.94
CA ILE B 124 7.39 -6.82 -22.93
C ILE B 124 8.63 -7.17 -22.10
N LYS B 125 8.77 -8.43 -21.70
CA LYS B 125 9.89 -8.82 -20.89
C LYS B 125 11.20 -8.69 -21.65
N GLU B 126 11.21 -9.09 -22.94
CA GLU B 126 12.41 -8.96 -23.77
C GLU B 126 12.83 -7.51 -23.92
N LYS B 127 11.88 -6.59 -24.14
CA LYS B 127 12.26 -5.18 -24.28
C LYS B 127 12.66 -4.57 -22.95
N ILE B 128 11.99 -4.99 -21.85
CA ILE B 128 12.42 -4.57 -20.52
C ILE B 128 13.90 -4.90 -20.32
N LYS B 129 14.28 -6.15 -20.62
CA LYS B 129 15.61 -6.61 -20.27
C LYS B 129 16.66 -6.09 -21.25
N ASN B 130 16.32 -6.00 -22.54
CA ASN B 130 17.31 -5.69 -23.58
C ASN B 130 17.29 -4.25 -24.08
N ARG B 131 16.19 -3.51 -23.93
CA ARG B 131 16.07 -2.16 -24.50
C ARG B 131 15.97 -1.09 -23.42
N TYR B 132 14.98 -1.18 -22.54
CA TYR B 132 14.67 -0.05 -21.68
C TYR B 132 15.51 0.00 -20.42
N PHE B 133 15.63 -1.12 -19.72
CA PHE B 133 16.43 -1.15 -18.50
C PHE B 133 17.90 -0.88 -18.78
N PRO B 134 18.55 -1.48 -19.80
CA PRO B 134 19.91 -1.06 -20.12
C PRO B 134 20.02 0.42 -20.44
N ALA B 135 19.03 0.99 -21.12
CA ALA B 135 19.08 2.42 -21.44
C ALA B 135 19.12 3.27 -20.18
N PHE B 136 18.29 2.95 -19.18
CA PHE B 136 18.23 3.82 -18.01
C PHE B 136 19.36 3.51 -17.04
N GLU B 137 19.79 2.24 -16.99
CA GLU B 137 20.99 1.94 -16.23
C GLU B 137 22.22 2.66 -16.77
N LYS B 138 22.33 2.74 -18.11
CA LYS B 138 23.49 3.40 -18.73
C LYS B 138 23.49 4.89 -18.43
N VAL B 139 22.30 5.52 -18.40
CA VAL B 139 22.20 6.92 -17.99
C VAL B 139 22.74 7.11 -16.58
N LEU B 140 22.27 6.28 -15.64
CA LEU B 140 22.69 6.44 -14.25
C LEU B 140 24.19 6.18 -14.13
N LYS B 141 24.69 5.13 -14.79
CA LYS B 141 26.13 4.85 -14.78
C LYS B 141 26.91 5.96 -15.43
N SER B 142 26.29 6.75 -16.30
CA SER B 142 27.03 7.73 -17.09
C SER B 142 27.47 8.94 -16.25
N HIS B 143 26.60 9.46 -15.37
CA HIS B 143 26.97 10.58 -14.51
C HIS B 143 27.16 10.23 -13.05
N GLY B 144 26.75 9.04 -12.63
CA GLY B 144 26.97 8.57 -11.28
C GLY B 144 26.12 9.25 -10.24
N GLN B 145 25.31 10.22 -10.67
CA GLN B 145 24.45 10.97 -9.74
C GLN B 145 23.25 10.20 -9.24
N ASP B 146 22.56 10.76 -8.26
CA ASP B 146 21.38 10.13 -7.68
C ASP B 146 20.12 10.39 -8.49
N TYR B 147 20.15 11.31 -9.44
CA TYR B 147 18.97 11.61 -10.23
C TYR B 147 19.28 11.51 -11.71
N LEU B 148 18.21 11.26 -12.48
CA LEU B 148 18.37 11.01 -13.90
C LEU B 148 18.92 12.23 -14.63
N VAL B 149 18.46 13.43 -14.28
CA VAL B 149 18.82 14.63 -15.02
C VAL B 149 19.12 15.76 -14.05
N GLY B 150 20.25 16.44 -14.26
CA GLY B 150 20.57 17.65 -13.52
C GLY B 150 20.96 17.43 -12.07
N ASN B 151 21.24 16.19 -11.70
CA ASN B 151 21.60 15.83 -10.32
C ASN B 151 20.60 16.42 -9.33
N LYS B 152 19.34 16.39 -9.73
CA LYS B 152 18.26 16.99 -8.96
C LYS B 152 16.98 16.22 -9.29
N LEU B 153 16.08 16.14 -8.33
CA LEU B 153 14.85 15.37 -8.56
C LEU B 153 14.03 16.02 -9.66
N SER B 154 13.49 15.18 -10.55
CA SER B 154 12.63 15.64 -11.64
C SER B 154 11.57 14.59 -11.92
N ARG B 155 10.65 14.95 -12.82
CA ARG B 155 9.60 14.03 -13.23
C ARG B 155 10.19 12.74 -13.81
N ALA B 156 11.38 12.80 -14.39
CA ALA B 156 11.95 11.59 -14.99
C ALA B 156 12.15 10.51 -13.93
N ASP B 157 12.63 10.89 -12.75
CA ASP B 157 12.78 9.91 -11.68
C ASP B 157 11.43 9.39 -11.22
N ILE B 158 10.44 10.29 -11.06
CA ILE B 158 9.12 9.86 -10.58
C ILE B 158 8.50 8.88 -11.55
N HIS B 159 8.48 9.23 -12.86
CA HIS B 159 7.86 8.37 -13.87
C HIS B 159 8.57 7.01 -13.97
N LEU B 160 9.91 7.01 -13.90
CA LEU B 160 10.67 5.76 -14.04
C LEU B 160 10.43 4.86 -12.82
N VAL B 161 10.50 5.41 -11.62
CA VAL B 161 10.29 4.55 -10.44
C VAL B 161 8.89 3.96 -10.45
N GLU B 162 7.90 4.78 -10.82
CA GLU B 162 6.54 4.27 -10.95
C GLU B 162 6.52 3.03 -11.83
N LEU B 163 7.24 3.10 -12.97
CA LEU B 163 7.27 1.97 -13.89
C LEU B 163 8.02 0.78 -13.31
N LEU B 164 9.06 1.04 -12.53
CA LEU B 164 9.76 -0.06 -11.85
C LEU B 164 8.80 -0.87 -10.98
N TYR B 165 7.91 -0.19 -10.24
CA TYR B 165 6.94 -0.92 -9.43
C TYR B 165 6.04 -1.82 -10.28
N TYR B 166 5.64 -1.36 -11.49
CA TYR B 166 4.81 -2.20 -12.35
C TYR B 166 5.60 -3.35 -12.98
N VAL B 167 6.90 -3.17 -13.17
CA VAL B 167 7.68 -4.28 -13.70
C VAL B 167 7.86 -5.31 -12.61
N GLU B 168 8.10 -4.85 -11.37
CA GLU B 168 8.19 -5.76 -10.24
C GLU B 168 6.92 -6.59 -10.12
N GLU B 169 5.75 -5.95 -10.24
CA GLU B 169 4.50 -6.71 -10.23
C GLU B 169 4.45 -7.75 -11.34
N LEU B 170 5.09 -7.49 -12.48
CA LEU B 170 5.05 -8.44 -13.58
C LEU B 170 6.09 -9.53 -13.43
N ASP B 171 7.26 -9.18 -12.89
CA ASP B 171 8.34 -10.14 -12.77
C ASP B 171 9.43 -9.48 -11.95
N SER B 172 9.52 -9.86 -10.68
CA SER B 172 10.47 -9.23 -9.78
C SER B 172 11.93 -9.53 -10.14
N SER B 173 12.17 -10.49 -11.04
CA SER B 173 13.53 -10.81 -11.49
C SER B 173 14.09 -9.84 -12.54
N LEU B 174 13.22 -9.07 -13.21
CA LEU B 174 13.67 -8.35 -14.39
C LEU B 174 14.66 -7.25 -14.04
N ILE B 175 14.48 -6.61 -12.88
CA ILE B 175 15.38 -5.55 -12.44
C ILE B 175 16.65 -6.08 -11.80
N SER B 176 16.76 -7.41 -11.63
CA SER B 176 17.82 -7.98 -10.80
C SER B 176 19.21 -7.68 -11.34
N SER B 177 19.36 -7.65 -12.66
CA SER B 177 20.66 -7.35 -13.25
C SER B 177 20.96 -5.86 -13.31
N PHE B 178 20.10 -4.99 -12.77
CA PHE B 178 20.27 -3.55 -12.92
C PHE B 178 20.43 -2.88 -11.55
N PRO B 179 21.66 -2.82 -11.03
CA PRO B 179 21.88 -2.31 -9.66
C PRO B 179 21.50 -0.85 -9.49
N LEU B 180 21.82 0.00 -10.48
CA LEU B 180 21.58 1.43 -10.30
C LEU B 180 20.10 1.77 -10.40
N LEU B 181 19.33 0.96 -11.15
CA LEU B 181 17.88 1.12 -11.12
C LEU B 181 17.35 0.73 -9.75
N LYS B 182 17.84 -0.39 -9.20
CA LYS B 182 17.50 -0.79 -7.83
C LYS B 182 17.75 0.35 -6.86
N ALA B 183 18.95 0.93 -6.90
CA ALA B 183 19.25 1.97 -5.93
C ALA B 183 18.40 3.21 -6.15
N LEU B 184 18.03 3.48 -7.40
CA LEU B 184 17.14 4.61 -7.65
C LEU B 184 15.73 4.37 -7.11
N LYS B 185 15.23 3.15 -7.27
CA LYS B 185 13.91 2.80 -6.74
C LYS B 185 13.83 3.00 -5.23
N THR B 186 14.87 2.59 -4.49
CA THR B 186 14.80 2.73 -3.04
C THR B 186 14.97 4.19 -2.62
N ARG B 187 15.87 4.92 -3.26
CA ARG B 187 16.08 6.31 -2.86
C ARG B 187 14.84 7.17 -3.11
N ILE B 188 14.17 6.95 -4.25
CA ILE B 188 13.01 7.76 -4.57
C ILE B 188 11.80 7.34 -3.73
N SER B 189 11.67 6.05 -3.48
CA SER B 189 10.59 5.56 -2.61
C SER B 189 10.70 6.16 -1.20
N ASN B 190 11.92 6.45 -0.74
CA ASN B 190 12.14 6.95 0.62
C ASN B 190 12.24 8.48 0.66
N LEU B 191 11.90 9.16 -0.43
CA LEU B 191 11.65 10.59 -0.36
C LEU B 191 10.38 10.80 0.45
N PRO B 192 10.34 11.77 1.36
CA PRO B 192 9.15 11.91 2.22
C PRO B 192 7.80 11.82 1.51
N THR B 193 7.59 12.63 0.46
CA THR B 193 6.28 12.64 -0.19
C THR B 193 6.00 11.33 -0.94
N VAL B 194 7.03 10.72 -1.53
CA VAL B 194 6.79 9.46 -2.25
C VAL B 194 6.50 8.33 -1.27
N LYS B 195 7.23 8.28 -0.16
CA LYS B 195 7.03 7.24 0.84
C LYS B 195 5.61 7.30 1.41
N LYS B 196 5.10 8.51 1.64
CA LYS B 196 3.73 8.63 2.12
C LYS B 196 2.75 8.13 1.08
N PHE B 197 3.01 8.42 -0.21
CA PHE B 197 2.13 7.96 -1.27
C PHE B 197 2.16 6.44 -1.40
N LEU B 198 3.32 5.82 -1.19
CA LEU B 198 3.42 4.37 -1.30
C LEU B 198 2.78 3.64 -0.12
N GLN B 199 2.60 4.31 1.03
CA GLN B 199 2.04 3.69 2.23
C GLN B 199 0.55 3.40 2.06
N PRO B 200 -0.01 2.49 2.85
CA PRO B 200 -1.44 2.22 2.78
C PRO B 200 -2.28 3.48 3.01
N GLY B 201 -3.46 3.46 2.41
CA GLY B 201 -4.45 4.51 2.53
C GLY B 201 -4.22 5.76 1.70
N SER B 202 -3.25 5.77 0.80
CA SER B 202 -3.01 6.92 -0.08
C SER B 202 -3.91 6.82 -1.31
N PRO B 203 -3.85 7.82 -2.20
CA PRO B 203 -4.60 7.73 -3.45
C PRO B 203 -4.03 6.75 -4.46
N ARG B 204 -2.83 6.20 -4.22
CA ARG B 204 -2.28 5.19 -5.10
C ARG B 204 -3.29 4.07 -5.34
N LYS B 205 -3.37 3.62 -6.61
CA LYS B 205 -4.41 2.67 -6.96
C LYS B 205 -3.82 1.28 -7.13
N PRO B 206 -4.60 0.24 -6.87
CA PRO B 206 -4.07 -1.12 -6.98
C PRO B 206 -3.92 -1.52 -8.44
N PRO B 207 -3.37 -2.69 -8.70
CA PRO B 207 -3.50 -3.29 -10.02
C PRO B 207 -4.96 -3.49 -10.37
N MET B 208 -5.19 -3.62 -11.67
CA MET B 208 -6.52 -3.71 -12.24
C MET B 208 -6.90 -5.18 -12.22
N ASP B 209 -7.88 -5.53 -11.39
CA ASP B 209 -8.39 -6.90 -11.34
C ASP B 209 -9.46 -7.02 -12.42
N GLU B 210 -10.37 -8.01 -12.31
CA GLU B 210 -11.27 -8.28 -13.43
C GLU B 210 -12.54 -7.42 -13.37
N LYS B 211 -13.18 -7.34 -12.20
CA LYS B 211 -14.42 -6.57 -12.15
C LYS B 211 -14.18 -5.09 -12.45
N SER B 212 -13.14 -4.49 -11.85
CA SER B 212 -12.80 -3.13 -12.28
C SER B 212 -12.57 -3.09 -13.79
N LEU B 213 -12.04 -4.18 -14.36
CA LEU B 213 -11.93 -4.31 -15.80
C LEU B 213 -13.32 -4.22 -16.43
N ALA C 2 2.02 -41.52 34.72
CA ALA C 2 2.33 -40.28 34.01
C ALA C 2 2.94 -39.27 34.99
N GLU C 3 3.33 -38.10 34.49
CA GLU C 3 3.98 -37.08 35.32
C GLU C 3 3.13 -35.81 35.33
N LYS C 4 2.99 -35.23 36.51
CA LYS C 4 2.18 -34.05 36.80
C LYS C 4 2.90 -32.78 36.38
N PRO C 5 2.16 -31.72 36.08
CA PRO C 5 2.79 -30.53 35.46
C PRO C 5 3.81 -29.89 36.39
N LYS C 6 4.89 -29.36 35.80
CA LYS C 6 5.96 -28.71 36.54
C LYS C 6 5.97 -27.22 36.23
N LEU C 7 5.80 -26.40 37.25
CA LEU C 7 5.79 -24.95 37.11
C LEU C 7 7.18 -24.39 37.36
N HIS C 8 7.74 -23.72 36.37
CA HIS C 8 9.05 -23.07 36.49
C HIS C 8 8.81 -21.58 36.64
N TYR C 9 9.10 -21.06 37.82
CA TYR C 9 9.01 -19.65 38.12
C TYR C 9 9.94 -19.33 39.29
N PHE C 10 9.75 -18.16 39.86
CA PHE C 10 10.37 -17.88 41.14
C PHE C 10 9.32 -18.02 42.22
N ASN C 11 9.79 -17.97 43.48
CA ASN C 11 8.95 -18.31 44.63
C ASN C 11 8.23 -17.01 44.94
N ALA C 12 7.18 -16.74 44.16
CA ALA C 12 6.42 -15.50 44.30
C ALA C 12 5.17 -15.58 43.43
N ARG C 13 4.29 -14.60 43.61
CA ARG C 13 3.12 -14.55 42.78
C ARG C 13 3.47 -14.31 41.31
N GLY C 14 3.86 -13.09 40.97
CA GLY C 14 4.28 -12.75 39.63
C GLY C 14 3.30 -13.20 38.57
N ARG C 15 3.84 -13.63 37.43
CA ARG C 15 3.02 -14.05 36.30
C ARG C 15 2.64 -15.53 36.36
N MET C 16 2.96 -16.23 37.45
CA MET C 16 2.66 -17.65 37.56
C MET C 16 1.47 -17.94 38.44
N GLU C 17 1.10 -16.96 39.29
CA GLU C 17 0.07 -17.20 40.30
C GLU C 17 -1.28 -17.55 39.68
N SER C 18 -1.66 -16.88 38.59
CA SER C 18 -2.96 -17.18 37.99
C SER C 18 -3.04 -18.65 37.56
N THR C 19 -1.90 -19.24 37.18
CA THR C 19 -1.84 -20.63 36.75
C THR C 19 -1.93 -21.55 37.96
N ARG C 20 -1.27 -21.16 39.07
CA ARG C 20 -1.41 -21.89 40.33
C ARG C 20 -2.86 -21.97 40.76
N TRP C 21 -3.57 -20.83 40.74
CA TRP C 21 -5.00 -20.81 41.08
C TRP C 21 -5.81 -21.72 40.19
N LEU C 22 -5.52 -21.70 38.89
CA LEU C 22 -6.35 -22.38 37.91
C LEU C 22 -6.15 -23.88 37.99
N LEU C 23 -4.89 -24.32 38.05
CA LEU C 23 -4.65 -25.75 38.25
C LEU C 23 -5.25 -26.23 39.56
N ALA C 24 -5.07 -25.48 40.65
CA ALA C 24 -5.62 -25.90 41.92
C ALA C 24 -7.13 -25.98 41.91
N ALA C 25 -7.79 -24.98 41.30
CA ALA C 25 -9.25 -25.03 41.27
C ALA C 25 -9.73 -26.19 40.39
N ALA C 26 -8.94 -26.57 39.38
CA ALA C 26 -9.21 -27.77 38.61
C ALA C 26 -8.93 -29.05 39.39
N GLY C 27 -8.28 -28.96 40.55
CA GLY C 27 -7.90 -30.16 41.28
C GLY C 27 -6.82 -30.95 40.60
N VAL C 28 -5.83 -30.29 40.02
CA VAL C 28 -4.69 -30.95 39.38
C VAL C 28 -3.46 -30.75 40.28
N GLU C 29 -2.82 -31.84 40.67
CA GLU C 29 -1.57 -31.66 41.39
C GLU C 29 -0.42 -31.31 40.47
N PHE C 30 0.47 -30.47 40.98
CA PHE C 30 1.61 -29.99 40.19
C PHE C 30 2.81 -29.78 41.11
N GLU C 31 4.00 -29.83 40.50
CA GLU C 31 5.26 -29.49 41.14
C GLU C 31 5.75 -28.12 40.70
N GLU C 32 6.50 -27.48 41.59
CA GLU C 32 7.19 -26.22 41.29
C GLU C 32 8.69 -26.41 41.40
N LYS C 33 9.42 -26.01 40.36
CA LYS C 33 10.87 -25.91 40.43
C LYS C 33 11.21 -24.42 40.53
N PHE C 34 11.59 -23.97 41.72
CA PHE C 34 11.77 -22.54 41.97
C PHE C 34 13.07 -22.04 41.39
N ILE C 35 12.99 -20.97 40.64
CA ILE C 35 14.19 -20.28 40.21
C ILE C 35 14.67 -19.39 41.34
N LYS C 36 15.89 -19.66 41.82
CA LYS C 36 16.44 -18.90 42.94
C LYS C 36 17.59 -17.96 42.61
N SER C 37 18.22 -18.08 41.44
CA SER C 37 19.33 -17.18 41.16
C SER C 37 19.21 -16.78 39.71
N ALA C 38 20.06 -15.84 39.33
CA ALA C 38 20.22 -15.54 37.93
C ALA C 38 20.86 -16.70 37.20
N GLU C 39 21.62 -17.52 37.92
CA GLU C 39 22.20 -18.72 37.33
C GLU C 39 21.15 -19.79 37.06
N ASP C 40 20.13 -19.90 37.92
CA ASP C 40 19.07 -20.86 37.64
C ASP C 40 18.28 -20.48 36.40
N LEU C 41 17.93 -19.20 36.23
CA LEU C 41 17.30 -18.74 35.00
C LEU C 41 18.20 -19.00 33.78
N ASP C 42 19.51 -18.74 33.94
CA ASP C 42 20.43 -18.91 32.82
C ASP C 42 20.56 -20.38 32.44
N LYS C 43 20.43 -21.30 33.41
CA LYS C 43 20.51 -22.72 33.08
C LYS C 43 19.28 -23.15 32.27
N LEU C 44 18.09 -22.62 32.59
CA LEU C 44 16.91 -22.94 31.80
C LEU C 44 17.04 -22.40 30.38
N ARG C 45 17.63 -21.21 30.24
CA ARG C 45 17.90 -20.69 28.92
C ARG C 45 18.81 -21.64 28.15
N ASN C 46 20.01 -21.86 28.67
CA ASN C 46 21.05 -22.61 27.96
C ASN C 46 20.64 -24.05 27.66
N ASP C 47 19.76 -24.62 28.47
CA ASP C 47 19.21 -25.96 28.23
C ASP C 47 18.17 -26.00 27.11
N GLY C 48 17.81 -24.85 26.54
CA GLY C 48 16.79 -24.74 25.50
C GLY C 48 15.35 -24.87 25.94
N TYR C 49 15.05 -24.63 27.22
CA TYR C 49 13.72 -24.83 27.77
C TYR C 49 12.80 -23.62 27.64
N LEU C 50 13.31 -22.45 27.25
CA LEU C 50 12.52 -21.22 27.20
C LEU C 50 12.52 -20.65 25.78
N MET C 51 11.42 -20.80 25.08
CA MET C 51 11.34 -20.34 23.72
C MET C 51 11.68 -18.87 23.50
N PHE C 52 11.31 -18.01 24.41
CA PHE C 52 11.59 -16.61 24.28
C PHE C 52 12.41 -16.08 25.41
N GLN C 53 13.21 -16.93 25.99
CA GLN C 53 14.13 -16.67 27.09
C GLN C 53 13.50 -16.20 28.37
N GLN C 54 12.29 -16.59 28.62
CA GLN C 54 11.63 -16.12 29.78
C GLN C 54 10.77 -17.12 30.48
N VAL C 55 10.56 -16.97 31.77
CA VAL C 55 9.56 -17.75 32.49
C VAL C 55 8.39 -16.80 32.68
N PRO C 56 7.19 -17.27 33.04
CA PRO C 56 6.66 -18.61 33.25
C PRO C 56 7.01 -19.63 32.22
N MET C 57 7.32 -20.84 32.65
CA MET C 57 7.36 -22.00 31.77
C MET C 57 6.68 -23.14 32.50
N VAL C 58 5.93 -23.96 31.78
CA VAL C 58 5.18 -25.03 32.42
C VAL C 58 5.40 -26.27 31.56
N GLU C 59 5.89 -27.34 32.16
CA GLU C 59 6.01 -28.62 31.48
C GLU C 59 4.72 -29.38 31.71
N ILE C 60 4.00 -29.66 30.63
CA ILE C 60 2.71 -30.33 30.74
C ILE C 60 2.47 -31.06 29.43
N ASP C 61 2.07 -32.32 29.52
CA ASP C 61 1.63 -33.12 28.39
C ASP C 61 2.66 -33.10 27.25
N GLY C 62 3.92 -33.23 27.63
CA GLY C 62 5.03 -33.33 26.70
C GLY C 62 5.52 -32.04 26.09
N MET C 63 5.06 -30.89 26.56
CA MET C 63 5.45 -29.61 26.00
C MET C 63 6.09 -28.74 27.07
N LYS C 64 6.84 -27.74 26.60
CA LYS C 64 7.42 -26.74 27.47
C LYS C 64 6.78 -25.41 27.07
N LEU C 65 5.61 -25.11 27.67
CA LEU C 65 4.81 -23.95 27.30
C LEU C 65 5.35 -22.73 28.01
N VAL C 66 5.70 -21.71 27.25
CA VAL C 66 5.92 -20.36 27.77
C VAL C 66 4.78 -19.44 27.32
N GLN C 67 4.80 -18.22 27.85
CA GLN C 67 3.75 -17.22 27.72
C GLN C 67 2.57 -17.56 28.63
N THR C 68 2.33 -16.71 29.64
CA THR C 68 1.22 -16.88 30.56
C THR C 68 -0.06 -17.35 29.87
N ARG C 69 -0.42 -16.69 28.75
CA ARG C 69 -1.73 -16.93 28.13
C ARG C 69 -1.78 -18.22 27.33
N ALA C 70 -0.64 -18.70 26.84
CA ALA C 70 -0.65 -20.01 26.20
C ALA C 70 -0.84 -21.09 27.25
N ILE C 71 -0.12 -20.96 28.36
CA ILE C 71 -0.25 -21.91 29.46
C ILE C 71 -1.69 -21.97 29.95
N LEU C 72 -2.27 -20.82 30.29
CA LEU C 72 -3.63 -20.82 30.84
C LEU C 72 -4.63 -21.41 29.86
N ASN C 73 -4.51 -21.04 28.57
CA ASN C 73 -5.47 -21.51 27.57
C ASN C 73 -5.43 -23.04 27.47
N TYR C 74 -4.24 -23.63 27.45
CA TYR C 74 -4.15 -25.08 27.39
C TYR C 74 -4.78 -25.71 28.62
N ILE C 75 -4.46 -25.20 29.82
CA ILE C 75 -4.99 -25.78 31.06
C ILE C 75 -6.50 -25.62 31.12
N ALA C 76 -7.01 -24.44 30.73
CA ALA C 76 -8.46 -24.22 30.78
C ALA C 76 -9.20 -25.16 29.84
N SER C 77 -8.63 -25.46 28.67
CA SER C 77 -9.28 -26.38 27.75
C SER C 77 -9.19 -27.80 28.27
N LYS C 78 -8.00 -28.19 28.73
CA LYS C 78 -7.83 -29.58 29.15
C LYS C 78 -8.81 -29.95 30.25
N TYR C 79 -9.04 -29.05 31.19
CA TYR C 79 -9.93 -29.35 32.30
C TYR C 79 -11.31 -28.71 32.19
N ASN C 80 -11.82 -28.49 30.96
CA ASN C 80 -13.23 -28.12 30.71
C ASN C 80 -13.65 -26.86 31.46
N LEU C 81 -12.74 -25.87 31.52
CA LEU C 81 -13.02 -24.61 32.18
C LEU C 81 -12.96 -23.46 31.16
N TYR C 82 -13.22 -23.77 29.88
CA TYR C 82 -13.10 -22.74 28.84
C TYR C 82 -14.38 -22.64 28.03
N GLY C 83 -15.52 -22.88 28.66
CA GLY C 83 -16.80 -22.80 27.98
C GLY C 83 -17.06 -24.04 27.15
N LYS C 84 -18.29 -24.17 26.64
CA LYS C 84 -18.63 -25.33 25.85
C LYS C 84 -18.54 -25.09 24.34
N ASP C 85 -18.53 -23.83 23.88
CA ASP C 85 -18.43 -23.57 22.45
C ASP C 85 -17.65 -22.29 22.22
N ILE C 86 -17.52 -21.93 20.95
CA ILE C 86 -16.75 -20.76 20.53
C ILE C 86 -17.33 -19.47 21.09
N LYS C 87 -18.66 -19.35 21.15
CA LYS C 87 -19.33 -18.15 21.64
C LYS C 87 -19.11 -17.96 23.13
N GLU C 88 -19.24 -19.03 23.92
CA GLU C 88 -18.97 -18.92 25.36
C GLU C 88 -17.51 -18.56 25.59
N ARG C 89 -16.63 -19.14 24.76
CA ARG C 89 -15.20 -18.83 24.80
C ARG C 89 -14.98 -17.34 24.56
N ALA C 90 -15.75 -16.75 23.65
CA ALA C 90 -15.57 -15.33 23.37
C ALA C 90 -15.90 -14.48 24.59
N LEU C 91 -17.04 -14.76 25.23
CA LEU C 91 -17.38 -14.11 26.49
C LEU C 91 -16.29 -14.32 27.55
N ILE C 92 -15.86 -15.57 27.73
CA ILE C 92 -14.81 -15.85 28.71
C ILE C 92 -13.59 -15.00 28.38
N ASP C 93 -13.17 -15.03 27.12
CA ASP C 93 -11.99 -14.28 26.72
C ASP C 93 -12.19 -12.79 26.98
N MET C 94 -13.37 -12.26 26.62
CA MET C 94 -13.62 -10.85 26.86
C MET C 94 -13.53 -10.53 28.35
N TYR C 95 -14.19 -11.33 29.21
CA TYR C 95 -14.12 -11.13 30.67
C TYR C 95 -12.69 -11.23 31.18
N ILE C 96 -11.98 -12.32 30.84
CA ILE C 96 -10.69 -12.52 31.50
C ILE C 96 -9.66 -11.53 30.98
N GLU C 97 -9.82 -11.02 29.76
CA GLU C 97 -8.81 -10.06 29.30
C GLU C 97 -8.97 -8.72 29.99
N GLY C 98 -10.21 -8.32 30.29
CA GLY C 98 -10.42 -7.22 31.21
C GLY C 98 -9.79 -7.45 32.57
N ILE C 99 -9.98 -8.65 33.13
CA ILE C 99 -9.34 -8.99 34.41
C ILE C 99 -7.82 -8.91 34.29
N ALA C 100 -7.26 -9.34 33.15
CA ALA C 100 -5.82 -9.27 32.97
C ALA C 100 -5.33 -7.83 32.90
N ASP C 101 -6.09 -6.95 32.22
CA ASP C 101 -5.71 -5.54 32.18
C ASP C 101 -5.58 -4.95 33.58
N LEU C 102 -6.59 -5.18 34.42
CA LEU C 102 -6.53 -4.66 35.78
C LEU C 102 -5.46 -5.38 36.57
N GLY C 103 -5.39 -6.70 36.42
CA GLY C 103 -4.34 -7.47 37.07
C GLY C 103 -2.95 -7.00 36.65
N GLU C 104 -2.83 -6.46 35.45
CA GLU C 104 -1.51 -6.01 35.00
C GLU C 104 -1.08 -4.76 35.76
N MET C 105 -1.99 -3.77 35.88
CA MET C 105 -1.65 -2.56 36.64
C MET C 105 -1.23 -2.90 38.07
N ILE C 106 -2.00 -3.75 38.72
CA ILE C 106 -1.73 -4.15 40.10
C ILE C 106 -0.42 -4.90 40.20
N LEU C 107 -0.17 -5.81 39.25
CA LEU C 107 1.04 -6.62 39.31
C LEU C 107 2.29 -5.75 39.27
N LEU C 108 2.23 -4.64 38.54
CA LEU C 108 3.36 -3.74 38.31
C LEU C 108 3.36 -2.51 39.22
N LEU C 109 2.52 -2.44 40.21
CA LEU C 109 2.48 -1.29 41.10
C LEU C 109 3.75 -1.11 41.88
N PRO C 110 4.33 -2.20 42.35
CA PRO C 110 5.55 -2.14 43.12
C PRO C 110 6.79 -1.69 42.37
N VAL C 111 6.80 -1.82 41.06
CA VAL C 111 7.99 -1.39 40.35
C VAL C 111 7.68 -0.14 39.56
N CYS C 112 6.79 0.64 40.11
CA CYS C 112 6.41 1.88 39.51
C CYS C 112 7.50 2.84 39.88
N ALA C 119 -0.51 7.98 43.21
CA ALA C 119 -0.36 8.29 41.79
C ALA C 119 -1.03 7.26 40.92
N LYS C 120 -0.36 6.15 40.74
CA LYS C 120 -0.89 5.11 39.91
C LYS C 120 -1.99 4.43 40.68
N LEU C 121 -1.74 4.11 41.94
CA LEU C 121 -2.70 3.47 42.81
C LEU C 121 -4.05 4.19 42.88
N ALA C 122 -4.04 5.50 42.90
CA ALA C 122 -5.22 6.28 42.87
C ALA C 122 -6.11 5.93 41.73
N LEU C 123 -5.56 5.71 40.54
CA LEU C 123 -6.50 5.45 39.46
C LEU C 123 -6.72 3.95 39.26
N ILE C 124 -5.86 3.14 39.84
CA ILE C 124 -6.06 1.73 39.82
C ILE C 124 -7.29 1.51 40.62
N LYS C 125 -7.48 2.31 41.67
CA LYS C 125 -8.65 2.19 42.52
C LYS C 125 -9.85 2.85 41.84
N GLU C 126 -9.59 3.94 41.12
CA GLU C 126 -10.65 4.65 40.42
C GLU C 126 -11.24 3.76 39.34
N LYS C 127 -10.38 3.01 38.62
CA LYS C 127 -10.90 2.15 37.54
C LYS C 127 -11.64 0.94 38.08
N ILE C 128 -11.25 0.45 39.26
CA ILE C 128 -11.99 -0.66 39.90
C ILE C 128 -13.43 -0.27 40.21
N LYS C 129 -13.63 0.82 40.96
CA LYS C 129 -15.01 1.17 41.34
C LYS C 129 -15.85 1.59 40.14
N ASN C 130 -15.26 2.26 39.14
CA ASN C 130 -16.06 2.87 38.10
C ASN C 130 -15.97 2.17 36.76
N ARG C 131 -15.09 1.19 36.59
CA ARG C 131 -14.92 0.56 35.30
C ARG C 131 -15.06 -0.96 35.41
N TYR C 132 -14.17 -1.60 36.16
CA TYR C 132 -14.13 -3.06 36.09
C TYR C 132 -15.19 -3.72 36.95
N PHE C 133 -15.34 -3.28 38.21
CA PHE C 133 -16.28 -3.89 39.14
C PHE C 133 -17.71 -3.70 38.67
N PRO C 134 -18.07 -2.53 38.11
CA PRO C 134 -19.40 -2.42 37.48
C PRO C 134 -19.61 -3.37 36.30
N ALA C 135 -18.57 -3.62 35.49
CA ALA C 135 -18.77 -4.46 34.31
C ALA C 135 -19.15 -5.87 34.70
N PHE C 136 -18.50 -6.42 35.72
CA PHE C 136 -18.77 -7.79 36.13
C PHE C 136 -20.01 -7.87 37.02
N GLU C 137 -20.18 -6.91 37.93
CA GLU C 137 -21.46 -6.81 38.61
C GLU C 137 -22.61 -6.76 37.60
N LYS C 138 -22.47 -5.96 36.54
CA LYS C 138 -23.52 -5.95 35.52
C LYS C 138 -23.71 -7.32 34.92
N VAL C 139 -22.61 -8.01 34.62
CA VAL C 139 -22.70 -9.36 34.08
C VAL C 139 -23.44 -10.29 35.07
N LEU C 140 -23.08 -10.25 36.35
CA LEU C 140 -23.73 -11.17 37.29
C LEU C 140 -25.21 -10.83 37.46
N LYS C 141 -25.54 -9.54 37.47
CA LYS C 141 -26.94 -9.13 37.55
C LYS C 141 -27.71 -9.56 36.29
N SER C 142 -27.05 -9.52 35.12
CA SER C 142 -27.78 -9.78 33.87
C SER C 142 -28.48 -11.15 33.89
N HIS C 143 -27.84 -12.16 34.46
CA HIS C 143 -28.39 -13.51 34.43
C HIS C 143 -28.68 -14.11 35.81
N GLY C 144 -28.14 -13.53 36.88
CA GLY C 144 -28.52 -13.99 38.21
C GLY C 144 -28.11 -15.42 38.52
N GLN C 145 -27.14 -15.95 37.81
CA GLN C 145 -26.64 -17.30 38.03
C GLN C 145 -25.33 -17.28 38.79
N ASP C 146 -24.93 -18.46 39.30
CA ASP C 146 -23.77 -18.51 40.18
C ASP C 146 -22.45 -18.30 39.45
N TYR C 147 -22.39 -18.50 38.15
CA TYR C 147 -21.13 -18.37 37.44
C TYR C 147 -21.27 -17.35 36.33
N LEU C 148 -20.15 -16.74 35.99
CA LEU C 148 -20.16 -15.66 35.01
C LEU C 148 -20.69 -16.12 33.66
N VAL C 149 -20.34 -17.33 33.22
CA VAL C 149 -20.62 -17.74 31.84
C VAL C 149 -21.17 -19.16 31.81
N GLY C 150 -22.30 -19.33 31.12
CA GLY C 150 -22.84 -20.64 30.84
C GLY C 150 -23.40 -21.38 32.03
N ASN C 151 -23.63 -20.71 33.16
CA ASN C 151 -24.20 -21.35 34.36
C ASN C 151 -23.36 -22.54 34.81
N LYS C 152 -22.06 -22.46 34.57
CA LYS C 152 -21.14 -23.52 34.86
C LYS C 152 -19.81 -22.87 35.26
N LEU C 153 -19.12 -23.48 36.24
CA LEU C 153 -17.84 -22.92 36.67
C LEU C 153 -16.91 -22.84 35.45
N SER C 154 -16.24 -21.71 35.28
CA SER C 154 -15.30 -21.53 34.19
C SER C 154 -14.06 -20.80 34.71
N ARG C 155 -13.06 -20.70 33.84
CA ARG C 155 -11.83 -19.98 34.21
C ARG C 155 -12.11 -18.51 34.55
N ALA C 156 -13.12 -17.90 33.91
CA ALA C 156 -13.49 -16.53 34.25
C ALA C 156 -13.77 -16.39 35.75
N ASP C 157 -14.56 -17.30 36.31
CA ASP C 157 -14.85 -17.24 37.74
C ASP C 157 -13.56 -17.30 38.57
N ILE C 158 -12.66 -18.23 38.24
CA ILE C 158 -11.42 -18.37 39.01
C ILE C 158 -10.57 -17.11 38.89
N HIS C 159 -10.29 -16.68 37.65
CA HIS C 159 -9.45 -15.50 37.44
C HIS C 159 -10.04 -14.28 38.11
N LEU C 160 -11.36 -14.11 38.06
CA LEU C 160 -11.98 -12.94 38.66
C LEU C 160 -11.86 -12.99 40.18
N VAL C 161 -12.14 -14.15 40.78
CA VAL C 161 -12.12 -14.25 42.23
C VAL C 161 -10.72 -14.07 42.79
N GLU C 162 -9.71 -14.59 42.09
CA GLU C 162 -8.33 -14.33 42.49
C GLU C 162 -8.07 -12.84 42.60
N LEU C 163 -8.53 -12.09 41.60
CA LEU C 163 -8.38 -10.63 41.63
C LEU C 163 -9.13 -10.00 42.78
N LEU C 164 -10.35 -10.45 43.04
CA LEU C 164 -11.08 -10.00 44.23
C LEU C 164 -10.20 -10.07 45.47
N TYR C 165 -9.43 -11.13 45.62
CA TYR C 165 -8.51 -11.19 46.75
C TYR C 165 -7.44 -10.09 46.67
N TYR C 166 -6.84 -9.85 45.49
CA TYR C 166 -5.82 -8.80 45.41
C TYR C 166 -6.39 -7.40 45.60
N VAL C 167 -7.61 -7.15 45.11
CA VAL C 167 -8.22 -5.86 45.37
C VAL C 167 -8.47 -5.68 46.87
N GLU C 168 -8.88 -6.76 47.55
CA GLU C 168 -9.12 -6.65 48.98
C GLU C 168 -7.84 -6.27 49.71
N GLU C 169 -6.72 -6.90 49.35
CA GLU C 169 -5.42 -6.54 49.93
C GLU C 169 -5.10 -5.06 49.71
N LEU C 170 -5.56 -4.48 48.61
CA LEU C 170 -5.22 -3.09 48.34
C LEU C 170 -6.20 -2.13 49.01
N ASP C 171 -7.46 -2.51 49.05
CA ASP C 171 -8.47 -1.66 49.65
C ASP C 171 -9.73 -2.45 49.88
N SER C 172 -9.99 -2.79 51.13
CA SER C 172 -11.11 -3.65 51.47
C SER C 172 -12.42 -2.96 51.13
N SER C 173 -12.41 -1.63 51.06
CA SER C 173 -13.61 -0.88 50.71
C SER C 173 -14.01 -0.92 49.26
N LEU C 174 -13.15 -1.40 48.34
CA LEU C 174 -13.49 -1.29 46.92
C LEU C 174 -14.65 -2.18 46.50
N ILE C 175 -14.83 -3.31 47.19
CA ILE C 175 -15.88 -4.28 46.85
C ILE C 175 -17.23 -3.97 47.46
N SER C 176 -17.29 -3.05 48.43
CA SER C 176 -18.42 -3.03 49.35
C SER C 176 -19.73 -2.65 48.66
N SER C 177 -19.67 -1.88 47.59
CA SER C 177 -20.89 -1.53 46.89
C SER C 177 -21.28 -2.54 45.81
N PHE C 178 -20.67 -3.72 45.82
CA PHE C 178 -20.89 -4.73 44.80
C PHE C 178 -21.28 -6.05 45.45
N PRO C 179 -22.57 -6.20 45.78
CA PRO C 179 -23.01 -7.41 46.47
C PRO C 179 -22.83 -8.68 45.65
N LEU C 180 -23.08 -8.63 44.33
CA LEU C 180 -22.98 -9.85 43.55
C LEU C 180 -21.54 -10.32 43.40
N LEU C 181 -20.57 -9.40 43.40
CA LEU C 181 -19.16 -9.82 43.42
C LEU C 181 -18.80 -10.42 44.78
N LYS C 182 -19.24 -9.80 45.88
CA LYS C 182 -19.07 -10.41 47.21
C LYS C 182 -19.55 -11.86 47.22
N ALA C 183 -20.77 -12.09 46.73
CA ALA C 183 -21.35 -13.43 46.77
C ALA C 183 -20.56 -14.43 45.92
N LEU C 184 -20.18 -14.03 44.69
CA LEU C 184 -19.32 -14.87 43.87
C LEU C 184 -18.04 -15.24 44.62
N LYS C 185 -17.39 -14.26 45.24
CA LYS C 185 -16.16 -14.54 46.00
C LYS C 185 -16.39 -15.62 47.04
N THR C 186 -17.50 -15.51 47.78
CA THR C 186 -17.84 -16.48 48.81
C THR C 186 -18.13 -17.86 48.21
N ARG C 187 -18.99 -17.91 47.18
CA ARG C 187 -19.33 -19.21 46.59
C ARG C 187 -18.09 -19.91 46.03
N ILE C 188 -17.24 -19.18 45.32
CA ILE C 188 -16.06 -19.80 44.70
C ILE C 188 -15.06 -20.23 45.77
N SER C 189 -14.75 -19.35 46.74
CA SER C 189 -13.84 -19.74 47.83
C SER C 189 -14.32 -20.99 48.55
N ASN C 190 -15.62 -21.29 48.49
CA ASN C 190 -16.12 -22.48 49.16
C ASN C 190 -16.10 -23.72 48.29
N LEU C 191 -15.85 -23.60 47.00
CA LEU C 191 -15.60 -24.82 46.24
C LEU C 191 -14.47 -25.59 46.93
N PRO C 192 -14.59 -26.91 47.10
CA PRO C 192 -13.59 -27.65 47.90
C PRO C 192 -12.16 -27.49 47.44
N THR C 193 -11.92 -27.40 46.13
CA THR C 193 -10.55 -27.27 45.64
C THR C 193 -9.98 -25.89 45.97
N VAL C 194 -10.79 -24.84 45.78
CA VAL C 194 -10.35 -23.49 46.10
C VAL C 194 -10.24 -23.30 47.59
N LYS C 195 -11.11 -23.92 48.36
CA LYS C 195 -11.04 -23.81 49.79
C LYS C 195 -9.75 -24.39 50.26
N LYS C 196 -9.43 -25.57 49.79
CA LYS C 196 -8.12 -26.15 50.07
C LYS C 196 -7.00 -25.19 49.71
N PHE C 197 -6.99 -24.70 48.46
CA PHE C 197 -5.94 -23.79 47.99
C PHE C 197 -5.80 -22.53 48.84
N LEU C 198 -6.92 -22.04 49.37
CA LEU C 198 -6.89 -20.85 50.22
C LEU C 198 -6.34 -21.11 51.61
N GLN C 199 -6.37 -22.35 52.07
CA GLN C 199 -5.87 -22.68 53.40
C GLN C 199 -4.35 -22.67 53.41
N PRO C 200 -3.75 -22.47 54.59
CA PRO C 200 -2.28 -22.35 54.66
C PRO C 200 -1.63 -23.64 54.22
N GLY C 201 -0.40 -23.51 53.75
CA GLY C 201 0.33 -24.65 53.26
C GLY C 201 0.03 -25.03 51.82
N SER C 202 -0.77 -24.26 51.09
CA SER C 202 -0.99 -24.50 49.66
C SER C 202 0.12 -23.84 48.85
N PRO C 203 0.21 -24.17 47.56
CA PRO C 203 1.16 -23.47 46.69
C PRO C 203 0.83 -21.99 46.53
N ARG C 204 -0.30 -21.53 47.05
CA ARG C 204 -0.61 -20.10 46.96
C ARG C 204 0.51 -19.29 47.59
N LYS C 205 0.80 -18.16 46.97
CA LYS C 205 2.00 -17.40 47.31
C LYS C 205 1.62 -16.11 48.02
N PRO C 206 2.47 -15.59 48.89
CA PRO C 206 2.12 -14.37 49.61
C PRO C 206 2.26 -13.13 48.75
N PRO C 207 1.70 -12.02 49.24
CA PRO C 207 1.97 -10.69 48.69
C PRO C 207 3.43 -10.33 48.76
N MET C 208 3.83 -9.41 47.91
CA MET C 208 5.24 -9.07 47.87
C MET C 208 5.56 -8.05 48.97
N ASP C 209 6.85 -7.87 49.24
CA ASP C 209 7.33 -6.84 50.15
C ASP C 209 8.68 -6.33 49.67
N GLU C 210 9.65 -6.22 50.58
CA GLU C 210 10.99 -5.81 50.17
C GLU C 210 12.04 -6.77 50.70
N LYS D 4 -22.32 -9.12 7.83
CA LYS D 4 -20.87 -9.05 8.02
C LYS D 4 -20.37 -8.14 9.17
N PRO D 5 -19.19 -8.51 9.71
CA PRO D 5 -18.71 -7.88 10.95
C PRO D 5 -18.42 -6.40 10.82
N LYS D 6 -18.66 -5.66 11.91
CA LYS D 6 -18.43 -4.22 11.98
C LYS D 6 -17.30 -3.92 12.96
N LEU D 7 -16.23 -3.29 12.48
CA LEU D 7 -15.08 -2.92 13.29
C LEU D 7 -15.21 -1.49 13.80
N HIS D 8 -15.25 -1.31 15.10
CA HIS D 8 -15.31 0.02 15.69
C HIS D 8 -13.92 0.34 16.25
N TYR D 9 -13.25 1.31 15.63
CA TYR D 9 -11.96 1.81 16.06
C TYR D 9 -11.81 3.22 15.51
N PHE D 10 -10.60 3.77 15.56
CA PHE D 10 -10.32 4.96 14.79
C PHE D 10 -9.50 4.60 13.57
N ASN D 11 -9.31 5.60 12.70
CA ASN D 11 -8.78 5.32 11.38
C ASN D 11 -7.26 5.29 11.57
N ALA D 12 -6.78 4.16 12.04
CA ALA D 12 -5.36 3.96 12.32
C ALA D 12 -5.12 2.49 12.60
N ARG D 13 -3.85 2.14 12.63
CA ARG D 13 -3.49 0.76 12.94
C ARG D 13 -3.95 0.43 14.35
N GLY D 14 -3.24 0.97 15.33
CA GLY D 14 -3.61 0.78 16.72
C GLY D 14 -3.81 -0.66 17.06
N ARG D 15 -4.78 -0.91 17.93
CA ARG D 15 -5.07 -2.27 18.41
C ARG D 15 -6.05 -3.00 17.51
N MET D 16 -6.41 -2.40 16.37
CA MET D 16 -7.37 -3.02 15.47
C MET D 16 -6.74 -3.65 14.24
N GLU D 17 -5.50 -3.27 13.91
CA GLU D 17 -4.91 -3.72 12.64
C GLU D 17 -4.75 -5.24 12.58
N SER D 18 -4.32 -5.88 13.68
CA SER D 18 -4.13 -7.33 13.66
C SER D 18 -5.42 -8.04 13.31
N THR D 19 -6.55 -7.45 13.69
CA THR D 19 -7.86 -8.03 13.39
C THR D 19 -8.21 -7.79 11.90
N ARG D 20 -7.88 -6.61 11.38
CA ARG D 20 -8.03 -6.32 9.94
C ARG D 20 -7.27 -7.34 9.09
N TRP D 21 -5.99 -7.59 9.42
CA TRP D 21 -5.20 -8.59 8.71
C TRP D 21 -5.84 -9.98 8.76
N LEU D 22 -6.34 -10.38 9.94
CA LEU D 22 -6.77 -11.77 10.11
C LEU D 22 -8.07 -12.00 9.35
N LEU D 23 -9.03 -11.08 9.48
CA LEU D 23 -10.26 -11.17 8.70
C LEU D 23 -9.95 -11.15 7.20
N ALA D 24 -9.07 -10.25 6.78
CA ALA D 24 -8.73 -10.19 5.36
C ALA D 24 -8.07 -11.48 4.90
N ALA D 25 -7.16 -12.06 5.70
CA ALA D 25 -6.52 -13.29 5.27
C ALA D 25 -7.50 -14.47 5.24
N ALA D 26 -8.52 -14.43 6.09
CA ALA D 26 -9.62 -15.40 6.00
C ALA D 26 -10.52 -15.11 4.82
N GLY D 27 -10.35 -13.97 4.17
CA GLY D 27 -11.27 -13.60 3.11
C GLY D 27 -12.65 -13.26 3.62
N VAL D 28 -12.74 -12.55 4.75
CA VAL D 28 -14.01 -12.09 5.28
C VAL D 28 -14.08 -10.60 5.04
N GLU D 29 -15.13 -10.16 4.35
CA GLU D 29 -15.35 -8.72 4.19
C GLU D 29 -15.98 -8.14 5.45
N PHE D 30 -15.60 -6.90 5.74
CA PHE D 30 -16.05 -6.23 6.95
C PHE D 30 -16.22 -4.74 6.66
N GLU D 31 -17.04 -4.10 7.49
CA GLU D 31 -17.22 -2.66 7.54
C GLU D 31 -16.45 -2.11 8.74
N GLU D 32 -15.99 -0.87 8.61
CA GLU D 32 -15.39 -0.12 9.71
C GLU D 32 -16.25 1.11 9.96
N LYS D 33 -16.67 1.31 11.20
CA LYS D 33 -17.29 2.56 11.61
C LYS D 33 -16.25 3.34 12.41
N PHE D 34 -15.68 4.36 11.76
CA PHE D 34 -14.56 5.09 12.32
C PHE D 34 -15.02 6.06 13.40
N ILE D 35 -14.37 6.00 14.55
CA ILE D 35 -14.55 6.99 15.60
C ILE D 35 -13.69 8.22 15.31
N LYS D 36 -14.34 9.37 15.19
CA LYS D 36 -13.62 10.60 14.87
C LYS D 36 -13.56 11.59 16.01
N SER D 37 -14.26 11.32 17.11
CA SER D 37 -14.19 12.27 18.22
C SER D 37 -14.25 11.58 19.56
N ALA D 38 -14.01 12.38 20.60
CA ALA D 38 -14.27 11.90 21.96
C ALA D 38 -15.77 11.78 22.17
N GLU D 39 -16.55 12.56 21.42
CA GLU D 39 -18.00 12.47 21.46
C GLU D 39 -18.53 11.20 20.81
N ASP D 40 -17.90 10.73 19.74
CA ASP D 40 -18.29 9.45 19.14
C ASP D 40 -18.00 8.29 20.07
N LEU D 41 -16.81 8.29 20.69
CA LEU D 41 -16.49 7.28 21.68
C LEU D 41 -17.47 7.30 22.84
N ASP D 42 -17.90 8.47 23.22
CA ASP D 42 -18.84 8.57 24.30
C ASP D 42 -20.20 8.09 23.92
N LYS D 43 -20.54 8.15 22.66
CA LYS D 43 -21.85 7.68 22.28
C LYS D 43 -21.83 6.21 22.46
N LEU D 44 -20.75 5.63 22.06
CA LEU D 44 -20.64 4.17 22.13
C LEU D 44 -20.60 3.65 23.57
N ARG D 45 -19.94 4.37 24.50
CA ARG D 45 -19.94 3.96 25.90
C ARG D 45 -21.36 3.95 26.45
N ASN D 46 -22.02 5.13 26.45
CA ASN D 46 -23.33 5.31 27.08
C ASN D 46 -24.40 4.45 26.42
N ASP D 47 -24.21 4.10 25.15
CA ASP D 47 -25.13 3.17 24.54
C ASP D 47 -24.92 1.75 25.06
N GLY D 48 -23.90 1.56 25.90
CA GLY D 48 -23.56 0.25 26.43
C GLY D 48 -22.86 -0.73 25.52
N TYR D 49 -22.19 -0.26 24.47
CA TYR D 49 -21.59 -1.17 23.51
C TYR D 49 -20.19 -1.63 23.90
N LEU D 50 -19.58 -1.03 24.91
CA LEU D 50 -18.20 -1.33 25.24
C LEU D 50 -18.16 -1.81 26.69
N MET D 51 -17.92 -3.11 26.89
CA MET D 51 -17.97 -3.69 28.23
C MET D 51 -17.06 -2.95 29.20
N PHE D 52 -15.86 -2.58 28.77
CA PHE D 52 -14.92 -1.84 29.60
C PHE D 52 -14.75 -0.41 29.14
N GLN D 53 -15.72 0.11 28.38
CA GLN D 53 -15.66 1.48 27.88
C GLN D 53 -14.45 1.72 26.96
N GLN D 54 -13.96 0.67 26.31
CA GLN D 54 -12.81 0.76 25.42
C GLN D 54 -13.14 0.23 24.03
N VAL D 55 -12.44 0.74 23.03
CA VAL D 55 -12.35 0.07 21.73
C VAL D 55 -10.93 -0.50 21.64
N PRO D 56 -10.63 -1.45 20.74
CA PRO D 56 -11.39 -2.15 19.71
C PRO D 56 -12.71 -2.74 20.17
N MET D 57 -13.74 -2.62 19.34
CA MET D 57 -14.94 -3.40 19.53
C MET D 57 -15.37 -3.91 18.17
N VAL D 58 -15.88 -5.14 18.12
CA VAL D 58 -16.25 -5.78 16.86
C VAL D 58 -17.61 -6.42 17.04
N GLU D 59 -18.55 -6.05 16.19
CA GLU D 59 -19.87 -6.66 16.17
C GLU D 59 -19.80 -7.85 15.24
N ILE D 60 -20.02 -9.04 15.80
CA ILE D 60 -19.94 -10.24 14.97
C ILE D 60 -20.80 -11.30 15.63
N ASP D 61 -21.63 -11.95 14.83
CA ASP D 61 -22.39 -13.12 15.24
C ASP D 61 -23.19 -12.83 16.51
N GLY D 62 -23.80 -11.63 16.53
CA GLY D 62 -24.67 -11.22 17.61
C GLY D 62 -24.01 -10.73 18.87
N MET D 63 -22.71 -10.51 18.87
CA MET D 63 -22.00 -10.06 20.06
C MET D 63 -21.30 -8.75 19.77
N LYS D 64 -20.98 -8.06 20.86
CA LYS D 64 -20.21 -6.84 20.86
C LYS D 64 -18.91 -7.15 21.59
N LEU D 65 -17.91 -7.67 20.86
CA LEU D 65 -16.67 -8.14 21.50
C LEU D 65 -15.69 -6.99 21.69
N VAL D 66 -15.26 -6.77 22.93
CA VAL D 66 -14.10 -5.92 23.20
C VAL D 66 -12.93 -6.80 23.64
N GLN D 67 -11.77 -6.15 23.77
CA GLN D 67 -10.48 -6.79 24.01
C GLN D 67 -9.91 -7.45 22.75
N THR D 68 -8.78 -6.91 22.25
CA THR D 68 -8.12 -7.44 21.07
C THR D 68 -8.12 -8.97 21.02
N ARG D 69 -7.74 -9.60 22.13
CA ARG D 69 -7.50 -11.03 22.12
C ARG D 69 -8.77 -11.86 22.13
N ALA D 70 -9.88 -11.33 22.63
CA ALA D 70 -11.14 -12.06 22.50
C ALA D 70 -11.57 -12.05 21.06
N ILE D 71 -11.48 -10.87 20.44
CA ILE D 71 -11.85 -10.73 19.04
C ILE D 71 -11.02 -11.70 18.20
N LEU D 72 -9.68 -11.64 18.34
CA LEU D 72 -8.81 -12.50 17.53
C LEU D 72 -9.05 -13.99 17.78
N ASN D 73 -9.19 -14.41 19.06
CA ASN D 73 -9.39 -15.83 19.34
C ASN D 73 -10.67 -16.35 18.71
N TYR D 74 -11.75 -15.57 18.82
CA TYR D 74 -13.02 -15.94 18.19
C TYR D 74 -12.90 -15.98 16.66
N ILE D 75 -12.27 -14.97 16.05
CA ILE D 75 -12.21 -14.97 14.59
C ILE D 75 -11.39 -16.14 14.09
N ALA D 76 -10.26 -16.42 14.78
CA ALA D 76 -9.38 -17.51 14.36
C ALA D 76 -10.09 -18.86 14.49
N SER D 77 -10.95 -19.02 15.49
CA SER D 77 -11.64 -20.30 15.58
C SER D 77 -12.70 -20.42 14.50
N LYS D 78 -13.49 -19.37 14.29
CA LYS D 78 -14.61 -19.44 13.34
C LYS D 78 -14.12 -19.81 11.94
N TYR D 79 -13.00 -19.24 11.53
CA TYR D 79 -12.46 -19.49 10.20
C TYR D 79 -11.29 -20.46 10.22
N ASN D 80 -11.28 -21.39 11.19
CA ASN D 80 -10.38 -22.56 11.14
C ASN D 80 -8.91 -22.15 11.02
N LEU D 81 -8.50 -21.09 11.69
CA LEU D 81 -7.11 -20.66 11.62
C LEU D 81 -6.45 -20.79 12.98
N TYR D 82 -6.95 -21.71 13.81
CA TYR D 82 -6.48 -21.83 15.19
C TYR D 82 -6.02 -23.25 15.49
N GLY D 83 -5.49 -23.96 14.50
CA GLY D 83 -5.02 -25.32 14.73
C GLY D 83 -6.15 -26.33 14.76
N LYS D 84 -5.78 -27.63 14.77
CA LYS D 84 -6.83 -28.63 14.79
C LYS D 84 -7.14 -29.16 16.20
N ASP D 85 -6.25 -28.98 17.18
CA ASP D 85 -6.55 -29.45 18.55
C ASP D 85 -5.90 -28.52 19.58
N ILE D 86 -6.12 -28.83 20.87
CA ILE D 86 -5.61 -27.97 21.95
C ILE D 86 -4.09 -27.95 21.96
N LYS D 87 -3.42 -29.07 21.65
CA LYS D 87 -1.97 -28.99 21.66
C LYS D 87 -1.52 -28.07 20.52
N GLU D 88 -2.15 -28.16 19.35
CA GLU D 88 -1.80 -27.22 18.28
C GLU D 88 -2.17 -25.81 18.71
N ARG D 89 -3.31 -25.63 19.40
CA ARG D 89 -3.64 -24.30 19.94
C ARG D 89 -2.54 -23.81 20.88
N ALA D 90 -1.99 -24.71 21.72
CA ALA D 90 -0.95 -24.29 22.67
C ALA D 90 0.31 -23.80 21.95
N LEU D 91 0.76 -24.54 20.93
CA LEU D 91 1.87 -24.06 20.10
C LEU D 91 1.54 -22.70 19.49
N ILE D 92 0.36 -22.59 18.88
CA ILE D 92 -0.05 -21.32 18.27
C ILE D 92 -0.04 -20.20 19.32
N ASP D 93 -0.68 -20.43 20.46
CA ASP D 93 -0.78 -19.40 21.50
C ASP D 93 0.60 -18.97 21.98
N MET D 94 1.50 -19.93 22.18
CA MET D 94 2.84 -19.58 22.60
C MET D 94 3.52 -18.65 21.58
N TYR D 95 3.45 -19.01 20.26
CA TYR D 95 4.03 -18.19 19.20
C TYR D 95 3.41 -16.79 19.13
N ILE D 96 2.07 -16.70 19.09
CA ILE D 96 1.48 -15.40 18.84
C ILE D 96 1.63 -14.47 20.06
N GLU D 97 1.76 -15.03 21.27
CA GLU D 97 1.92 -14.17 22.44
C GLU D 97 3.33 -13.59 22.47
N GLY D 98 4.32 -14.35 22.04
CA GLY D 98 5.61 -13.75 21.78
C GLY D 98 5.53 -12.64 20.75
N ILE D 99 4.81 -12.89 19.66
CA ILE D 99 4.59 -11.84 18.66
C ILE D 99 3.84 -10.65 19.25
N ALA D 100 2.87 -10.90 20.13
CA ALA D 100 2.14 -9.79 20.71
C ALA D 100 3.04 -8.96 21.60
N ASP D 101 3.91 -9.61 22.37
CA ASP D 101 4.88 -8.94 23.24
C ASP D 101 5.76 -8.00 22.44
N LEU D 102 6.31 -8.48 21.32
CA LEU D 102 7.14 -7.63 20.47
C LEU D 102 6.30 -6.55 19.81
N GLY D 103 5.14 -6.94 19.30
CA GLY D 103 4.23 -5.96 18.71
C GLY D 103 3.81 -4.87 19.68
N GLU D 104 3.77 -5.18 20.98
CA GLU D 104 3.34 -4.19 21.96
C GLU D 104 4.38 -3.10 22.11
N MET D 105 5.65 -3.47 22.23
CA MET D 105 6.70 -2.45 22.29
C MET D 105 6.65 -1.55 21.06
N ILE D 106 6.54 -2.14 19.86
CA ILE D 106 6.49 -1.37 18.62
C ILE D 106 5.25 -0.49 18.62
N LEU D 107 4.12 -1.04 19.07
CA LEU D 107 2.87 -0.29 19.04
C LEU D 107 2.98 0.99 19.86
N LEU D 108 3.70 0.95 20.98
CA LEU D 108 3.82 2.10 21.87
C LEU D 108 5.12 2.87 21.71
N LEU D 109 5.86 2.62 20.63
CA LEU D 109 7.01 3.47 20.30
C LEU D 109 6.62 4.91 20.07
N PRO D 110 5.58 5.24 19.30
CA PRO D 110 5.36 6.66 19.00
C PRO D 110 5.01 7.53 20.20
N VAL D 111 4.36 7.04 21.26
CA VAL D 111 3.98 8.02 22.30
C VAL D 111 4.79 7.73 23.56
N CYS D 112 5.97 7.16 23.38
CA CYS D 112 6.90 7.33 24.46
C CYS D 112 7.66 8.64 24.20
N PRO D 113 8.17 9.34 25.20
CA PRO D 113 8.88 10.62 24.97
C PRO D 113 10.15 10.50 24.14
N PRO D 114 10.71 11.69 23.72
CA PRO D 114 11.91 11.78 22.85
C PRO D 114 13.21 11.03 23.11
N GLU D 115 14.03 11.43 24.10
CA GLU D 115 15.13 10.56 24.51
C GLU D 115 14.66 9.16 24.93
N GLU D 116 13.47 9.05 25.55
CA GLU D 116 13.05 7.71 25.97
C GLU D 116 13.02 6.81 24.75
N LYS D 117 12.70 7.42 23.60
CA LYS D 117 12.39 6.75 22.34
C LYS D 117 13.56 5.91 21.86
N ASP D 118 14.76 6.51 21.75
CA ASP D 118 15.84 5.76 21.14
C ASP D 118 16.45 4.75 22.11
N ALA D 119 16.18 4.85 23.41
CA ALA D 119 16.47 3.73 24.29
C ALA D 119 15.53 2.55 24.01
N LYS D 120 14.24 2.83 23.86
CA LYS D 120 13.28 1.78 23.51
C LYS D 120 13.51 1.25 22.10
N LEU D 121 13.72 2.13 21.11
CA LEU D 121 13.91 1.60 19.76
C LEU D 121 15.14 0.70 19.69
N ALA D 122 16.23 1.10 20.34
CA ALA D 122 17.43 0.26 20.35
C ALA D 122 17.18 -1.08 21.02
N LEU D 123 16.33 -1.14 22.03
CA LEU D 123 16.05 -2.42 22.67
C LEU D 123 15.09 -3.27 21.86
N ILE D 124 14.11 -2.63 21.21
CA ILE D 124 13.29 -3.38 20.27
C ILE D 124 14.18 -4.09 19.27
N LYS D 125 15.17 -3.37 18.73
CA LYS D 125 16.04 -3.98 17.74
C LYS D 125 16.87 -5.14 18.30
N GLU D 126 17.40 -5.00 19.52
CA GLU D 126 18.20 -6.10 20.04
C GLU D 126 17.34 -7.35 20.27
N LYS D 127 16.13 -7.16 20.77
CA LYS D 127 15.26 -8.29 21.08
C LYS D 127 14.74 -8.94 19.82
N ILE D 128 14.54 -8.17 18.74
CA ILE D 128 14.17 -8.76 17.44
C ILE D 128 15.30 -9.67 16.96
N LYS D 129 16.52 -9.11 16.87
CA LYS D 129 17.63 -9.89 16.32
C LYS D 129 18.03 -11.06 17.22
N ASN D 130 17.94 -10.93 18.55
CA ASN D 130 18.53 -11.94 19.42
C ASN D 130 17.54 -12.82 20.15
N ARG D 131 16.24 -12.52 20.08
CA ARG D 131 15.23 -13.26 20.82
C ARG D 131 14.10 -13.75 19.91
N TYR D 132 13.36 -12.83 19.28
CA TYR D 132 12.15 -13.27 18.61
C TYR D 132 12.43 -13.88 17.24
N PHE D 133 13.27 -13.25 16.42
CA PHE D 133 13.53 -13.75 15.07
C PHE D 133 14.26 -15.10 15.11
N PRO D 134 15.21 -15.30 16.02
CA PRO D 134 15.80 -16.65 16.16
C PRO D 134 14.77 -17.68 16.60
N ALA D 135 13.82 -17.26 17.44
CA ALA D 135 12.84 -18.20 17.95
C ALA D 135 12.00 -18.75 16.81
N PHE D 136 11.59 -17.87 15.89
CA PHE D 136 10.72 -18.30 14.82
C PHE D 136 11.50 -18.97 13.69
N GLU D 137 12.67 -18.42 13.34
CA GLU D 137 13.54 -19.16 12.45
C GLU D 137 13.79 -20.59 12.91
N LYS D 138 14.04 -20.78 14.22
CA LYS D 138 14.24 -22.13 14.75
C LYS D 138 13.02 -23.02 14.53
N VAL D 139 11.81 -22.50 14.79
CA VAL D 139 10.58 -23.27 14.59
C VAL D 139 10.46 -23.69 13.13
N LEU D 140 10.68 -22.76 12.20
CA LEU D 140 10.54 -23.10 10.79
C LEU D 140 11.60 -24.11 10.33
N LYS D 141 12.84 -23.98 10.84
CA LYS D 141 13.92 -24.94 10.53
C LYS D 141 13.61 -26.31 11.13
N SER D 142 13.01 -26.32 12.32
CA SER D 142 12.80 -27.58 13.03
C SER D 142 11.99 -28.56 12.19
N HIS D 143 10.99 -28.09 11.45
CA HIS D 143 10.13 -28.99 10.72
C HIS D 143 10.18 -28.76 9.22
N GLY D 144 10.73 -27.63 8.77
CA GLY D 144 10.90 -27.44 7.35
C GLY D 144 9.62 -27.36 6.54
N GLN D 145 8.51 -27.02 7.16
CA GLN D 145 7.26 -26.89 6.42
C GLN D 145 6.94 -25.41 6.18
N ASP D 146 5.97 -25.20 5.28
CA ASP D 146 5.66 -23.85 4.82
C ASP D 146 4.95 -23.03 5.88
N TYR D 147 4.35 -23.66 6.88
CA TYR D 147 3.59 -22.97 7.91
C TYR D 147 4.14 -23.32 9.29
N LEU D 148 3.95 -22.37 10.22
CA LEU D 148 4.51 -22.53 11.56
C LEU D 148 3.97 -23.77 12.28
N VAL D 149 2.69 -24.08 12.13
CA VAL D 149 2.07 -25.12 12.94
C VAL D 149 1.18 -26.00 12.06
N GLY D 150 1.37 -27.31 12.14
CA GLY D 150 0.50 -28.27 11.51
C GLY D 150 0.57 -28.32 10.00
N ASN D 151 1.60 -27.74 9.39
CA ASN D 151 1.73 -27.78 7.94
C ASN D 151 0.51 -27.21 7.22
N LYS D 152 -0.16 -26.27 7.86
CA LYS D 152 -1.38 -25.69 7.31
C LYS D 152 -1.42 -24.24 7.76
N LEU D 153 -1.90 -23.35 6.89
CA LEU D 153 -1.96 -21.93 7.26
C LEU D 153 -2.77 -21.74 8.54
N SER D 154 -2.23 -20.94 9.45
CA SER D 154 -2.90 -20.61 10.69
C SER D 154 -2.69 -19.13 11.02
N ARG D 155 -3.38 -18.69 12.07
CA ARG D 155 -3.25 -17.31 12.51
C ARG D 155 -1.83 -16.97 12.91
N ALA D 156 -1.07 -17.96 13.40
CA ALA D 156 0.33 -17.73 13.73
C ALA D 156 1.08 -17.16 12.53
N ASP D 157 0.91 -17.78 11.35
CA ASP D 157 1.54 -17.29 10.13
C ASP D 157 1.12 -15.86 9.80
N ILE D 158 -0.18 -15.57 9.89
CA ILE D 158 -0.69 -14.24 9.56
C ILE D 158 -0.12 -13.19 10.50
N HIS D 159 -0.26 -13.42 11.83
CA HIS D 159 0.23 -12.46 12.82
C HIS D 159 1.74 -12.26 12.65
N LEU D 160 2.47 -13.34 12.39
CA LEU D 160 3.92 -13.21 12.28
C LEU D 160 4.31 -12.38 11.08
N VAL D 161 3.68 -12.64 9.93
CA VAL D 161 4.04 -11.89 8.72
C VAL D 161 3.66 -10.41 8.86
N GLU D 162 2.51 -10.12 9.51
CA GLU D 162 2.19 -8.73 9.80
C GLU D 162 3.31 -8.05 10.58
N LEU D 163 3.84 -8.72 11.62
CA LEU D 163 4.95 -8.13 12.36
C LEU D 163 6.20 -7.96 11.51
N LEU D 164 6.53 -8.95 10.67
CA LEU D 164 7.61 -8.82 9.68
C LEU D 164 7.51 -7.52 8.86
N TYR D 165 6.32 -7.14 8.43
CA TYR D 165 6.19 -5.85 7.73
C TYR D 165 6.57 -4.69 8.63
N TYR D 166 6.11 -4.69 9.89
CA TYR D 166 6.45 -3.61 10.82
C TYR D 166 7.93 -3.61 11.16
N VAL D 167 8.53 -4.79 11.27
CA VAL D 167 9.97 -4.82 11.50
C VAL D 167 10.69 -4.21 10.30
N GLU D 168 10.20 -4.50 9.08
CA GLU D 168 10.79 -3.93 7.87
C GLU D 168 10.67 -2.41 7.87
N GLU D 169 9.51 -1.89 8.25
CA GLU D 169 9.34 -0.45 8.36
C GLU D 169 10.34 0.18 9.33
N LEU D 170 10.74 -0.55 10.37
CA LEU D 170 11.63 0.00 11.39
C LEU D 170 13.11 -0.16 11.02
N ASP D 171 13.44 -1.26 10.38
CA ASP D 171 14.80 -1.52 9.98
C ASP D 171 14.79 -2.68 9.00
N SER D 172 15.02 -2.36 7.72
CA SER D 172 14.91 -3.40 6.72
C SER D 172 16.01 -4.43 6.92
N SER D 173 17.11 -4.06 7.60
CA SER D 173 18.18 -5.01 7.86
C SER D 173 17.90 -6.06 8.93
N LEU D 174 16.83 -5.95 9.74
CA LEU D 174 16.68 -6.89 10.84
C LEU D 174 16.36 -8.33 10.40
N ILE D 175 15.68 -8.49 9.26
CA ILE D 175 15.30 -9.85 8.83
C ILE D 175 16.37 -10.59 8.03
N SER D 176 17.39 -9.89 7.52
CA SER D 176 18.16 -10.40 6.38
C SER D 176 18.95 -11.64 6.75
N SER D 177 19.29 -11.80 8.01
CA SER D 177 20.02 -12.98 8.45
C SER D 177 19.11 -14.14 8.85
N PHE D 178 17.82 -14.07 8.51
CA PHE D 178 16.82 -15.09 8.86
C PHE D 178 16.16 -15.47 7.56
N PRO D 179 16.77 -16.38 6.81
CA PRO D 179 16.23 -16.73 5.48
C PRO D 179 14.85 -17.37 5.49
N LEU D 180 14.55 -18.26 6.46
CA LEU D 180 13.24 -18.92 6.45
C LEU D 180 12.12 -17.95 6.80
N LEU D 181 12.41 -16.92 7.59
CA LEU D 181 11.40 -15.90 7.84
C LEU D 181 11.11 -15.12 6.57
N LYS D 182 12.17 -14.75 5.83
CA LYS D 182 12.02 -14.14 4.50
C LYS D 182 11.08 -14.95 3.63
N ALA D 183 11.31 -16.26 3.53
CA ALA D 183 10.51 -17.09 2.64
C ALA D 183 9.05 -17.15 3.09
N LEU D 184 8.82 -17.37 4.39
CA LEU D 184 7.47 -17.30 4.93
C LEU D 184 6.79 -15.98 4.54
N LYS D 185 7.49 -14.85 4.72
CA LYS D 185 6.91 -13.55 4.39
C LYS D 185 6.45 -13.51 2.93
N THR D 186 7.30 -13.99 2.01
CA THR D 186 6.95 -13.99 0.60
C THR D 186 5.79 -14.94 0.32
N ARG D 187 5.87 -16.18 0.83
CA ARG D 187 4.81 -17.14 0.55
C ARG D 187 3.46 -16.61 1.05
N ILE D 188 3.44 -16.07 2.27
CA ILE D 188 2.19 -15.58 2.82
C ILE D 188 1.70 -14.35 2.08
N SER D 189 2.60 -13.39 1.86
CA SER D 189 2.22 -12.21 1.09
C SER D 189 1.66 -12.58 -0.30
N ASN D 190 2.04 -13.75 -0.84
CA ASN D 190 1.53 -14.12 -2.15
C ASN D 190 0.25 -14.96 -2.11
N LEU D 191 -0.19 -15.44 -0.94
CA LEU D 191 -1.53 -16.02 -0.86
C LEU D 191 -2.55 -15.00 -1.38
N PRO D 192 -3.52 -15.43 -2.19
CA PRO D 192 -4.43 -14.45 -2.83
C PRO D 192 -5.17 -13.51 -1.87
N THR D 193 -5.61 -13.98 -0.70
CA THR D 193 -6.35 -13.08 0.19
C THR D 193 -5.44 -12.03 0.80
N VAL D 194 -4.23 -12.43 1.21
CA VAL D 194 -3.25 -11.51 1.77
C VAL D 194 -2.68 -10.56 0.72
N LYS D 195 -2.45 -11.05 -0.51
CA LYS D 195 -1.92 -10.18 -1.55
C LYS D 195 -2.89 -9.07 -1.89
N LYS D 196 -4.16 -9.35 -1.88
CA LYS D 196 -5.15 -8.35 -2.12
C LYS D 196 -5.16 -7.33 -1.00
N PHE D 197 -5.09 -7.75 0.23
CA PHE D 197 -5.01 -6.83 1.35
C PHE D 197 -3.76 -5.95 1.34
N LEU D 198 -2.63 -6.47 0.87
CA LEU D 198 -1.40 -5.68 0.82
C LEU D 198 -1.39 -4.65 -0.30
N GLN D 199 -2.20 -4.82 -1.35
CA GLN D 199 -2.25 -3.88 -2.48
C GLN D 199 -2.94 -2.58 -2.10
N PRO D 200 -2.65 -1.50 -2.83
CA PRO D 200 -3.22 -0.21 -2.44
C PRO D 200 -4.74 -0.22 -2.53
N GLY D 201 -5.35 0.66 -1.74
CA GLY D 201 -6.80 0.74 -1.68
C GLY D 201 -7.47 -0.28 -0.78
N SER D 202 -6.71 -1.09 -0.05
CA SER D 202 -7.25 -2.05 0.92
C SER D 202 -7.53 -1.40 2.26
N PRO D 203 -8.26 -2.11 3.15
CA PRO D 203 -8.45 -1.58 4.52
C PRO D 203 -7.18 -1.50 5.33
N ARG D 204 -6.05 -2.01 4.82
CA ARG D 204 -4.80 -1.89 5.56
C ARG D 204 -4.50 -0.44 5.87
N LYS D 205 -3.95 -0.19 7.07
CA LYS D 205 -3.82 1.17 7.53
C LYS D 205 -2.35 1.54 7.51
N PRO D 206 -2.03 2.81 7.35
CA PRO D 206 -0.62 3.23 7.29
C PRO D 206 0.05 3.27 8.66
N PRO D 207 1.37 3.44 8.68
CA PRO D 207 2.04 3.76 9.93
C PRO D 207 1.50 5.05 10.51
N MET D 208 1.67 5.18 11.81
CA MET D 208 1.14 6.33 12.54
C MET D 208 2.12 7.47 12.40
N ASP D 209 1.66 8.58 11.84
CA ASP D 209 2.42 9.80 12.01
C ASP D 209 1.54 10.88 12.63
N GLU D 210 2.10 12.07 12.74
CA GLU D 210 1.67 13.05 13.72
C GLU D 210 0.19 13.42 13.61
#